data_5BQO
#
_entry.id   5BQO
#
_cell.length_a   100.946
_cell.length_b   175.366
_cell.length_c   151.784
_cell.angle_alpha   90.000
_cell.angle_beta   90.000
_cell.angle_gamma   90.000
#
_symmetry.space_group_name_H-M   'C 2 2 21'
#
loop_
_entity.id
_entity.type
_entity.pdbx_description
1 polymer 'Purine phosphoribosyltransferase (GpT-2)'
2 non-polymer 'SULFATE ION'
3 water water
#
_entity_poly.entity_id   1
_entity_poly.type   'polypeptide(L)'
_entity_poly.pdbx_seq_one_letter_code
;MVEYHIPSWDEIEDAVFSIGEALVKSNYIPDVLIAVLTGGIIPAKLLSDLLDLKVIRYIDIKFYRSVGKTESKPVIRSVY
TDSLEGKKVLVVDDVADTGETLEAVSNVITMFNPAKVMTAALYLKPWSKRIPDFYYKQIDKWIIFPWDKWDVVRENSNVP
VDKKERFLNLYNQLLKIRK
;
_entity_poly.pdbx_strand_id   A,B,C,D,E,F
#
# COMPACT_ATOMS: atom_id res chain seq x y z
N GLU A 3 -5.22 56.35 -14.64
CA GLU A 3 -4.90 55.63 -15.86
C GLU A 3 -5.35 54.17 -15.76
N TYR A 4 -5.31 53.63 -14.55
CA TYR A 4 -5.76 52.27 -14.29
C TYR A 4 -7.00 52.25 -13.41
N HIS A 5 -7.94 51.36 -13.70
CA HIS A 5 -9.01 51.08 -12.77
C HIS A 5 -8.85 49.65 -12.25
N ILE A 6 -8.53 49.54 -10.97
CA ILE A 6 -8.28 48.25 -10.34
C ILE A 6 -9.35 47.96 -9.30
N PRO A 7 -10.45 47.32 -9.72
CA PRO A 7 -11.57 47.04 -8.82
C PRO A 7 -11.20 46.07 -7.71
N SER A 8 -11.68 46.36 -6.49
CA SER A 8 -11.51 45.43 -5.38
C SER A 8 -12.54 44.32 -5.51
N TRP A 9 -12.37 43.24 -4.75
CA TRP A 9 -13.36 42.17 -4.72
C TRP A 9 -14.70 42.72 -4.23
N ASP A 10 -14.62 43.67 -3.32
CA ASP A 10 -15.81 44.33 -2.77
C ASP A 10 -16.62 45.02 -3.86
N GLU A 11 -15.93 45.59 -4.84
CA GLU A 11 -16.60 46.25 -5.96
C GLU A 11 -17.17 45.23 -6.94
N ILE A 12 -16.43 44.14 -7.16
CA ILE A 12 -16.87 43.07 -8.03
C ILE A 12 -18.21 42.49 -7.56
N GLU A 13 -18.33 42.31 -6.24
CA GLU A 13 -19.57 41.84 -5.65
C GLU A 13 -20.70 42.84 -5.87
N ASP A 14 -20.37 44.11 -5.75
CA ASP A 14 -21.35 45.18 -6.00
C ASP A 14 -21.81 45.15 -7.45
N ALA A 15 -20.89 44.81 -8.35
CA ALA A 15 -21.21 44.69 -9.77
C ALA A 15 -22.18 43.55 -10.02
N VAL A 16 -21.96 42.43 -9.32
CA VAL A 16 -22.83 41.26 -9.43
C VAL A 16 -24.21 41.56 -8.88
N PHE A 17 -24.25 42.22 -7.73
CA PHE A 17 -25.51 42.64 -7.11
C PHE A 17 -26.34 43.49 -8.06
N SER A 18 -25.72 44.52 -8.61
CA SER A 18 -26.39 45.46 -9.50
C SER A 18 -27.01 44.77 -10.71
N ILE A 19 -26.25 43.87 -11.32
CA ILE A 19 -26.73 43.10 -12.47
C ILE A 19 -27.86 42.18 -12.04
N GLY A 20 -27.72 41.57 -10.87
CA GLY A 20 -28.73 40.68 -10.34
C GLY A 20 -30.05 41.38 -10.12
N GLU A 21 -30.01 42.53 -9.44
CA GLU A 21 -31.20 43.32 -9.19
C GLU A 21 -31.84 43.77 -10.51
N ALA A 22 -31.01 44.22 -11.44
CA ALA A 22 -31.47 44.67 -12.75
C ALA A 22 -32.26 43.57 -13.46
N LEU A 23 -31.82 42.33 -13.30
CA LEU A 23 -32.49 41.18 -13.91
C LEU A 23 -33.85 40.92 -13.27
N VAL A 24 -33.90 40.96 -11.95
CA VAL A 24 -35.12 40.69 -11.20
C VAL A 24 -36.19 41.75 -11.45
N LYS A 25 -35.75 43.00 -11.58
CA LYS A 25 -36.67 44.10 -11.85
C LYS A 25 -37.08 44.17 -13.32
N SER A 26 -36.33 43.50 -14.18
CA SER A 26 -36.67 43.41 -15.60
C SER A 26 -37.46 42.14 -15.89
N ASN A 27 -37.76 41.39 -14.84
CA ASN A 27 -38.49 40.12 -14.93
C ASN A 27 -37.83 39.14 -15.89
N TYR A 28 -36.51 39.07 -15.84
CA TYR A 28 -35.77 38.12 -16.68
C TYR A 28 -34.89 37.22 -15.83
N ILE A 29 -35.47 36.13 -15.35
CA ILE A 29 -34.74 35.13 -14.57
C ILE A 29 -34.24 34.03 -15.49
N PRO A 30 -32.92 34.00 -15.75
CA PRO A 30 -32.31 33.08 -16.70
C PRO A 30 -32.43 31.62 -16.27
N ASP A 31 -32.76 30.75 -17.23
CA ASP A 31 -32.79 29.31 -16.97
C ASP A 31 -31.36 28.76 -17.04
N VAL A 32 -30.56 29.35 -17.92
CA VAL A 32 -29.19 28.89 -18.14
C VAL A 32 -28.21 30.06 -18.25
N LEU A 33 -27.10 29.96 -17.53
CA LEU A 33 -26.00 30.92 -17.68
C LEU A 33 -24.94 30.38 -18.63
N ILE A 34 -24.59 31.17 -19.64
CA ILE A 34 -23.46 30.84 -20.50
C ILE A 34 -22.26 31.69 -20.11
N ALA A 35 -21.25 31.06 -19.54
CA ALA A 35 -20.04 31.77 -19.13
C ALA A 35 -19.04 31.83 -20.27
N VAL A 36 -18.48 33.02 -20.48
CA VAL A 36 -17.43 33.19 -21.48
C VAL A 36 -16.08 32.90 -20.86
N LEU A 37 -15.41 31.86 -21.37
CA LEU A 37 -14.11 31.46 -20.84
C LEU A 37 -13.01 32.40 -21.34
N THR A 38 -12.18 32.89 -20.41
CA THR A 38 -12.27 32.53 -19.00
C THR A 38 -12.61 33.73 -18.11
N GLY A 39 -12.82 34.88 -18.73
CA GLY A 39 -13.08 36.10 -18.00
C GLY A 39 -14.45 36.12 -17.35
N GLY A 40 -15.39 35.37 -17.90
CA GLY A 40 -16.75 35.33 -17.38
C GLY A 40 -16.94 34.27 -16.33
N ILE A 41 -15.90 33.45 -16.10
CA ILE A 41 -15.95 32.37 -15.13
C ILE A 41 -16.42 32.82 -13.75
N ILE A 42 -15.72 33.81 -13.19
CA ILE A 42 -15.99 34.26 -11.82
C ILE A 42 -17.27 35.09 -11.69
N PRO A 43 -17.55 36.00 -12.64
CA PRO A 43 -18.86 36.69 -12.53
C PRO A 43 -20.05 35.74 -12.62
N ALA A 44 -19.99 34.77 -13.54
CA ALA A 44 -21.11 33.84 -13.74
C ALA A 44 -21.40 33.02 -12.49
N LYS A 45 -20.33 32.56 -11.83
CA LYS A 45 -20.46 31.78 -10.61
C LYS A 45 -21.10 32.59 -9.49
N LEU A 46 -20.63 33.83 -9.33
CA LEU A 46 -21.17 34.72 -8.30
C LEU A 46 -22.63 35.05 -8.56
N LEU A 47 -22.96 35.36 -9.81
CA LEU A 47 -24.34 35.66 -10.19
C LEU A 47 -25.23 34.44 -9.99
N SER A 48 -24.65 33.26 -10.21
CA SER A 48 -25.36 32.00 -10.01
C SER A 48 -25.74 31.82 -8.55
N ASP A 49 -24.80 32.10 -7.66
CA ASP A 49 -25.04 31.93 -6.22
C ASP A 49 -26.05 32.95 -5.70
N LEU A 50 -26.04 34.14 -6.29
CA LEU A 50 -26.91 35.23 -5.85
C LEU A 50 -28.37 34.95 -6.19
N LEU A 51 -28.63 34.55 -7.43
CA LEU A 51 -30.00 34.36 -7.90
C LEU A 51 -30.42 32.89 -7.91
N ASP A 52 -29.59 32.04 -7.31
CA ASP A 52 -29.87 30.61 -7.20
C ASP A 52 -30.07 29.96 -8.57
N LEU A 53 -29.13 30.20 -9.48
CA LEU A 53 -29.19 29.64 -10.82
C LEU A 53 -28.30 28.39 -10.90
N LYS A 54 -28.95 27.22 -10.92
CA LYS A 54 -28.23 25.96 -10.79
C LYS A 54 -27.58 25.47 -12.08
N VAL A 55 -27.97 26.05 -13.22
CA VAL A 55 -27.47 25.58 -14.51
C VAL A 55 -26.52 26.56 -15.18
N ILE A 56 -25.25 26.20 -15.21
CA ILE A 56 -24.23 27.02 -15.88
C ILE A 56 -23.55 26.23 -16.99
N ARG A 57 -23.50 26.80 -18.19
CA ARG A 57 -22.76 26.21 -19.29
C ARG A 57 -21.68 27.18 -19.75
N TYR A 58 -20.79 26.72 -20.63
CA TYR A 58 -19.58 27.49 -20.92
C TYR A 58 -19.24 27.50 -22.42
N ILE A 59 -18.48 28.51 -22.82
CA ILE A 59 -18.00 28.60 -24.20
C ILE A 59 -16.56 29.09 -24.24
N ASP A 60 -15.71 28.39 -24.99
CA ASP A 60 -14.30 28.73 -25.12
C ASP A 60 -14.10 29.60 -26.36
N ILE A 61 -14.13 30.91 -26.17
CA ILE A 61 -13.96 31.83 -27.29
C ILE A 61 -12.84 32.84 -27.00
N LYS A 62 -11.98 33.06 -27.98
CA LYS A 62 -10.83 33.94 -27.81
C LYS A 62 -10.85 35.06 -28.84
N PHE A 63 -10.38 36.23 -28.43
CA PHE A 63 -10.35 37.40 -29.31
C PHE A 63 -8.94 37.69 -29.81
N TYR A 64 -8.74 37.58 -31.12
CA TYR A 64 -7.44 37.83 -31.72
C TYR A 64 -7.33 39.23 -32.29
N SER A 72 -8.09 39.17 -35.53
CA SER A 72 -8.92 40.29 -35.97
C SER A 72 -10.38 40.08 -35.58
N LYS A 73 -10.79 38.82 -35.46
CA LYS A 73 -12.15 38.46 -35.08
C LYS A 73 -12.13 37.43 -33.96
N PRO A 74 -13.21 37.35 -33.17
CA PRO A 74 -13.25 36.35 -32.10
C PRO A 74 -13.32 34.93 -32.66
N VAL A 75 -12.73 33.97 -31.96
CA VAL A 75 -12.65 32.60 -32.44
C VAL A 75 -13.13 31.60 -31.39
N ILE A 76 -14.10 30.78 -31.77
CA ILE A 76 -14.61 29.72 -30.90
C ILE A 76 -13.68 28.51 -30.95
N ARG A 77 -13.31 28.00 -29.78
CA ARG A 77 -12.45 26.84 -29.70
C ARG A 77 -13.25 25.60 -29.34
N SER A 78 -14.30 25.81 -28.54
CA SER A 78 -15.23 24.74 -28.16
C SER A 78 -16.48 25.32 -27.52
N VAL A 79 -17.58 24.57 -27.60
CA VAL A 79 -18.82 24.96 -26.96
C VAL A 79 -19.27 23.89 -25.98
N TYR A 80 -19.34 24.25 -24.70
CA TYR A 80 -19.67 23.29 -23.65
C TYR A 80 -21.11 23.43 -23.17
N THR A 81 -22.06 22.95 -23.96
CA THR A 81 -23.46 23.00 -23.55
C THR A 81 -24.32 21.95 -24.23
N ASP A 82 -25.43 21.60 -23.58
CA ASP A 82 -26.42 20.72 -24.16
C ASP A 82 -27.54 21.55 -24.77
N SER A 83 -28.71 20.94 -24.93
CA SER A 83 -29.85 21.61 -25.58
C SER A 83 -30.31 22.85 -24.81
N LEU A 84 -30.46 23.96 -25.53
CA LEU A 84 -30.90 25.21 -24.93
C LEU A 84 -32.26 25.64 -25.46
N GLU A 85 -32.96 24.72 -26.12
CA GLU A 85 -34.21 25.05 -26.80
C GLU A 85 -35.32 25.45 -25.83
N GLY A 86 -35.92 26.61 -26.08
CA GLY A 86 -37.04 27.08 -25.29
C GLY A 86 -36.65 27.62 -23.94
N LYS A 87 -35.38 27.96 -23.77
CA LYS A 87 -34.88 28.45 -22.49
C LYS A 87 -34.45 29.91 -22.55
N LYS A 88 -34.49 30.58 -21.40
CA LYS A 88 -34.00 31.94 -21.28
C LYS A 88 -32.52 31.92 -20.90
N VAL A 89 -31.69 32.44 -21.79
CA VAL A 89 -30.24 32.34 -21.65
C VAL A 89 -29.59 33.69 -21.34
N LEU A 90 -28.65 33.69 -20.41
CA LEU A 90 -27.87 34.89 -20.12
C LEU A 90 -26.38 34.64 -20.33
N VAL A 91 -25.80 35.33 -21.30
CA VAL A 91 -24.35 35.24 -21.54
C VAL A 91 -23.63 36.22 -20.63
N VAL A 92 -22.60 35.74 -19.94
CA VAL A 92 -21.89 36.56 -18.96
C VAL A 92 -20.39 36.61 -19.22
N ASP A 93 -19.88 37.83 -19.39
CA ASP A 93 -18.45 38.08 -19.51
C ASP A 93 -18.07 39.18 -18.52
N ASP A 94 -16.78 39.45 -18.35
CA ASP A 94 -16.36 40.41 -17.33
C ASP A 94 -16.28 41.84 -17.86
N VAL A 95 -15.82 42.01 -19.10
CA VAL A 95 -15.75 43.35 -19.67
C VAL A 95 -16.00 43.35 -21.18
N ALA A 96 -16.86 44.26 -21.62
CA ALA A 96 -17.14 44.42 -23.04
C ALA A 96 -16.36 45.60 -23.60
N ASP A 97 -15.27 45.31 -24.31
CA ASP A 97 -14.43 46.34 -24.90
C ASP A 97 -15.00 46.75 -26.26
N THR A 98 -14.73 45.93 -27.27
CA THR A 98 -15.28 46.16 -28.60
C THR A 98 -16.74 45.73 -28.63
N GLY A 99 -17.07 44.70 -27.86
CA GLY A 99 -18.43 44.18 -27.80
C GLY A 99 -18.64 43.04 -28.79
N GLU A 100 -17.60 42.75 -29.56
CA GLU A 100 -17.67 41.72 -30.60
C GLU A 100 -17.79 40.32 -30.03
N THR A 101 -17.16 40.09 -28.88
CA THR A 101 -17.16 38.77 -28.25
C THR A 101 -18.58 38.37 -27.82
N LEU A 102 -19.26 39.26 -27.11
CA LEU A 102 -20.62 39.01 -26.67
C LEU A 102 -21.57 38.85 -27.86
N GLU A 103 -21.31 39.60 -28.92
CA GLU A 103 -22.12 39.51 -30.13
C GLU A 103 -21.95 38.15 -30.80
N ALA A 104 -20.71 37.69 -30.86
CA ALA A 104 -20.40 36.40 -31.48
C ALA A 104 -21.00 35.24 -30.68
N VAL A 105 -20.98 35.36 -29.36
CA VAL A 105 -21.56 34.33 -28.50
C VAL A 105 -23.09 34.35 -28.61
N SER A 106 -23.67 35.54 -28.65
CA SER A 106 -25.11 35.68 -28.81
C SER A 106 -25.54 35.12 -30.16
N ASN A 107 -24.67 35.24 -31.16
CA ASN A 107 -24.95 34.75 -32.50
C ASN A 107 -25.01 33.22 -32.56
N VAL A 108 -24.10 32.56 -31.85
CA VAL A 108 -24.05 31.10 -31.89
C VAL A 108 -25.11 30.47 -30.98
N ILE A 109 -25.39 31.13 -29.86
CA ILE A 109 -26.39 30.63 -28.92
C ILE A 109 -27.79 30.71 -29.53
N THR A 110 -28.01 31.71 -30.38
CA THR A 110 -29.27 31.87 -31.09
C THR A 110 -29.58 30.63 -31.93
N MET A 111 -28.52 30.02 -32.48
CA MET A 111 -28.67 28.83 -33.32
C MET A 111 -29.14 27.62 -32.52
N PHE A 112 -29.19 27.76 -31.20
CA PHE A 112 -29.69 26.69 -30.33
C PHE A 112 -31.19 26.82 -30.08
N ASN A 113 -31.81 27.76 -30.79
CA ASN A 113 -33.24 28.08 -30.63
C ASN A 113 -33.68 28.25 -29.18
N PRO A 114 -33.05 29.17 -28.43
CA PRO A 114 -33.55 29.39 -27.08
C PRO A 114 -34.74 30.33 -27.09
N ALA A 115 -35.43 30.44 -25.96
CA ALA A 115 -36.55 31.36 -25.85
C ALA A 115 -36.06 32.79 -26.02
N LYS A 116 -34.91 33.09 -25.42
CA LYS A 116 -34.32 34.42 -25.49
C LYS A 116 -32.85 34.41 -25.08
N VAL A 117 -32.04 35.19 -25.78
CA VAL A 117 -30.65 35.41 -25.37
C VAL A 117 -30.44 36.86 -24.99
N MET A 118 -29.97 37.08 -23.77
CA MET A 118 -29.56 38.42 -23.35
C MET A 118 -28.10 38.36 -22.93
N THR A 119 -27.42 39.50 -22.99
CA THR A 119 -26.00 39.53 -22.66
C THR A 119 -25.74 40.40 -21.44
N ALA A 120 -24.61 40.15 -20.78
CA ALA A 120 -24.24 40.91 -19.59
C ALA A 120 -22.73 40.97 -19.40
N ALA A 121 -22.27 42.08 -18.84
CA ALA A 121 -20.85 42.26 -18.54
C ALA A 121 -20.73 43.15 -17.30
N LEU A 122 -19.66 42.96 -16.53
CA LEU A 122 -19.44 43.78 -15.36
C LEU A 122 -19.22 45.24 -15.76
N TYR A 123 -18.27 45.46 -16.65
CA TYR A 123 -17.95 46.83 -17.09
C TYR A 123 -18.05 46.98 -18.60
N LEU A 124 -18.40 48.19 -19.03
CA LEU A 124 -18.54 48.50 -20.45
C LEU A 124 -17.55 49.57 -20.87
N LYS A 125 -17.04 49.46 -22.10
CA LYS A 125 -16.18 50.48 -22.67
C LYS A 125 -17.02 51.44 -23.53
N PRO A 126 -16.68 52.75 -23.47
CA PRO A 126 -17.47 53.85 -24.02
C PRO A 126 -17.91 53.70 -25.49
N TRP A 127 -17.02 53.23 -26.35
CA TRP A 127 -17.29 53.23 -27.79
C TRP A 127 -17.48 51.83 -28.37
N SER A 128 -18.11 50.95 -27.62
CA SER A 128 -18.37 49.59 -28.10
C SER A 128 -19.42 49.59 -29.21
N LYS A 129 -19.28 48.67 -30.16
CA LYS A 129 -20.22 48.56 -31.26
C LYS A 129 -21.59 48.09 -30.76
N ARG A 130 -21.60 46.97 -30.03
CA ARG A 130 -22.82 46.44 -29.45
C ARG A 130 -22.81 46.53 -27.93
N ILE A 131 -23.80 47.23 -27.38
CA ILE A 131 -23.91 47.41 -25.94
C ILE A 131 -24.66 46.25 -25.31
N PRO A 132 -24.11 45.67 -24.23
CA PRO A 132 -24.76 44.59 -23.48
C PRO A 132 -26.13 45.00 -22.93
N ASP A 133 -26.96 44.01 -22.62
CA ASP A 133 -28.29 44.28 -22.09
C ASP A 133 -28.25 44.64 -20.61
N PHE A 134 -27.24 44.13 -19.91
CA PHE A 134 -27.07 44.39 -18.49
C PHE A 134 -25.61 44.64 -18.16
N TYR A 135 -25.34 45.71 -17.41
CA TYR A 135 -23.98 45.99 -16.95
C TYR A 135 -23.97 46.93 -15.74
N TYR A 136 -22.87 46.89 -15.01
CA TYR A 136 -22.72 47.68 -13.80
C TYR A 136 -22.30 49.11 -14.10
N LYS A 137 -21.06 49.29 -14.56
CA LYS A 137 -20.54 50.63 -14.82
C LYS A 137 -19.74 50.72 -16.11
N GLN A 138 -19.65 51.94 -16.65
CA GLN A 138 -18.83 52.21 -17.82
C GLN A 138 -17.53 52.89 -17.39
N ILE A 139 -16.40 52.30 -17.72
CA ILE A 139 -15.09 52.82 -17.32
C ILE A 139 -14.24 53.20 -18.52
N ASP A 140 -13.57 54.34 -18.43
CA ASP A 140 -12.76 54.83 -19.54
C ASP A 140 -11.29 54.43 -19.39
N LYS A 141 -10.98 53.70 -18.33
CA LYS A 141 -9.60 53.32 -18.04
C LYS A 141 -9.33 51.85 -18.36
N TRP A 142 -8.05 51.48 -18.34
CA TRP A 142 -7.67 50.08 -18.50
C TRP A 142 -7.95 49.33 -17.21
N ILE A 143 -8.76 48.28 -17.31
CA ILE A 143 -9.25 47.57 -16.13
C ILE A 143 -8.40 46.36 -15.78
N ILE A 144 -7.91 46.34 -14.54
CA ILE A 144 -7.18 45.19 -14.03
C ILE A 144 -8.03 44.40 -13.04
N PHE A 145 -8.63 43.32 -13.51
CA PHE A 145 -9.44 42.45 -12.65
C PHE A 145 -8.54 41.71 -11.67
N PRO A 146 -9.11 41.26 -10.55
CA PRO A 146 -8.35 40.43 -9.61
C PRO A 146 -7.90 39.09 -10.22
N TRP A 147 -8.65 38.59 -11.19
CA TRP A 147 -8.36 37.27 -11.76
C TRP A 147 -7.48 37.33 -13.01
N ASP A 148 -6.90 38.49 -13.29
CA ASP A 148 -5.96 38.60 -14.40
C ASP A 148 -4.86 39.62 -14.08
N LYS A 149 -4.68 39.89 -12.79
CA LYS A 149 -3.71 40.87 -12.33
C LYS A 149 -2.28 40.43 -12.63
N TRP A 150 -2.01 39.14 -12.48
CA TRP A 150 -0.66 38.61 -12.70
C TRP A 150 -0.38 38.45 -14.18
N ASP A 151 -1.43 38.56 -15.00
CA ASP A 151 -1.27 38.59 -16.44
C ASP A 151 -0.76 39.96 -16.86
N VAL A 152 -1.18 41.00 -16.13
CA VAL A 152 -0.76 42.36 -16.41
C VAL A 152 0.64 42.64 -15.87
N VAL A 153 0.93 42.11 -14.68
CA VAL A 153 2.24 42.28 -14.06
C VAL A 153 3.33 41.64 -14.92
N ARG A 154 2.98 40.52 -15.56
CA ARG A 154 3.91 39.84 -16.44
C ARG A 154 4.21 40.68 -17.69
N GLU A 155 3.28 41.54 -18.07
CA GLU A 155 3.47 42.43 -19.21
C GLU A 155 4.08 43.75 -18.75
N ASN A 156 3.86 44.08 -17.48
CA ASN A 156 4.36 45.32 -16.89
C ASN A 156 4.27 45.26 -15.38
N SER A 157 5.41 45.05 -14.73
CA SER A 157 5.45 44.87 -13.28
C SER A 157 5.43 46.21 -12.53
N ASN A 158 5.14 47.28 -13.24
CA ASN A 158 5.08 48.61 -12.62
C ASN A 158 3.67 48.99 -12.21
N VAL A 159 2.69 48.17 -12.58
CA VAL A 159 1.30 48.42 -12.22
C VAL A 159 1.12 48.39 -10.70
N PRO A 160 0.30 49.30 -10.17
CA PRO A 160 0.09 49.42 -8.72
C PRO A 160 -0.89 48.38 -8.16
N VAL A 161 -0.42 47.15 -7.98
CA VAL A 161 -1.25 46.10 -7.40
C VAL A 161 -0.59 45.50 -6.17
N ASP A 162 -1.40 44.92 -5.29
CA ASP A 162 -0.90 44.35 -4.04
C ASP A 162 -0.23 42.99 -4.26
N LYS A 163 0.59 42.59 -3.29
CA LYS A 163 1.24 41.29 -3.28
C LYS A 163 2.12 41.05 -4.50
N LYS A 164 2.67 42.12 -5.06
CA LYS A 164 3.50 42.02 -6.26
C LYS A 164 4.86 41.41 -5.96
N GLU A 165 5.37 41.65 -4.77
CA GLU A 165 6.66 41.10 -4.35
C GLU A 165 6.60 39.58 -4.23
N ARG A 166 5.54 39.09 -3.59
CA ARG A 166 5.37 37.66 -3.38
C ARG A 166 5.24 36.92 -4.72
N PHE A 167 4.65 37.58 -5.71
CA PHE A 167 4.50 37.01 -7.03
C PHE A 167 5.85 36.87 -7.74
N LEU A 168 6.61 37.96 -7.77
CA LEU A 168 7.87 38.00 -8.50
C LEU A 168 8.88 36.97 -7.98
N ASN A 169 8.82 36.69 -6.69
CA ASN A 169 9.66 35.65 -6.12
C ASN A 169 9.25 34.28 -6.63
N LEU A 170 7.95 34.05 -6.72
CA LEU A 170 7.41 32.83 -7.29
C LEU A 170 7.66 32.80 -8.79
N TYR A 171 7.49 33.96 -9.42
CA TYR A 171 7.71 34.12 -10.86
C TYR A 171 9.11 33.69 -11.27
N ASN A 172 10.11 34.18 -10.54
CA ASN A 172 11.50 33.85 -10.83
C ASN A 172 11.77 32.36 -10.78
N GLN A 173 11.36 31.72 -9.68
CA GLN A 173 11.54 30.27 -9.51
C GLN A 173 10.86 29.48 -10.63
N LEU A 174 9.80 30.04 -11.20
CA LEU A 174 9.10 29.42 -12.31
C LEU A 174 9.96 29.44 -13.58
N LEU A 175 10.69 30.52 -13.75
CA LEU A 175 11.55 30.69 -14.92
C LEU A 175 12.85 29.90 -14.79
N LYS A 176 13.17 29.49 -13.56
CA LYS A 176 14.40 28.76 -13.29
C LYS A 176 14.22 27.26 -13.54
N ILE A 177 13.31 26.94 -14.46
CA ILE A 177 12.97 25.57 -14.77
C ILE A 177 13.03 25.36 -16.29
N ARG A 178 12.68 26.40 -17.03
CA ARG A 178 12.76 26.35 -18.49
C ARG A 178 13.08 27.73 -19.08
N VAL B 2 -16.97 30.15 18.03
CA VAL B 2 -16.91 30.27 16.58
C VAL B 2 -17.34 28.96 15.91
N GLU B 3 -18.27 29.05 14.97
CA GLU B 3 -18.87 27.85 14.39
C GLU B 3 -18.53 27.70 12.91
N TYR B 4 -18.72 28.79 12.17
CA TYR B 4 -18.38 28.82 10.75
C TYR B 4 -17.00 29.42 10.53
N HIS B 5 -16.32 28.96 9.50
CA HIS B 5 -15.12 29.66 9.02
C HIS B 5 -15.47 30.38 7.72
N ILE B 6 -15.42 31.71 7.76
CA ILE B 6 -15.79 32.53 6.62
C ILE B 6 -14.58 33.25 6.07
N PRO B 7 -13.84 32.60 5.16
CA PRO B 7 -12.59 33.15 4.62
C PRO B 7 -12.82 34.37 3.74
N SER B 8 -12.00 35.40 3.94
CA SER B 8 -12.07 36.59 3.11
C SER B 8 -11.48 36.30 1.74
N TRP B 9 -11.78 37.17 0.77
CA TRP B 9 -11.17 37.08 -0.55
C TRP B 9 -9.64 37.14 -0.44
N ASP B 10 -9.18 37.85 0.58
CA ASP B 10 -7.76 37.97 0.86
C ASP B 10 -7.15 36.62 1.24
N GLU B 11 -7.87 35.87 2.07
CA GLU B 11 -7.41 34.54 2.49
C GLU B 11 -7.43 33.57 1.32
N ILE B 12 -8.42 33.72 0.44
CA ILE B 12 -8.54 32.89 -0.76
C ILE B 12 -7.32 33.07 -1.66
N GLU B 13 -6.88 34.31 -1.82
CA GLU B 13 -5.70 34.62 -2.63
C GLU B 13 -4.45 33.97 -2.05
N ASP B 14 -4.31 34.06 -0.73
CA ASP B 14 -3.17 33.44 -0.04
C ASP B 14 -3.26 31.92 -0.09
N ALA B 15 -4.50 31.42 -0.16
CA ALA B 15 -4.72 29.98 -0.30
C ALA B 15 -4.24 29.51 -1.67
N VAL B 16 -4.51 30.31 -2.68
CA VAL B 16 -4.09 30.02 -4.05
C VAL B 16 -2.57 30.13 -4.18
N PHE B 17 -2.00 31.15 -3.52
CA PHE B 17 -0.56 31.35 -3.55
C PHE B 17 0.18 30.18 -2.94
N SER B 18 -0.33 29.68 -1.81
CA SER B 18 0.28 28.56 -1.12
C SER B 18 0.36 27.33 -2.01
N ILE B 19 -0.71 27.07 -2.75
CA ILE B 19 -0.74 25.95 -3.68
C ILE B 19 0.29 26.13 -4.79
N GLY B 20 0.26 27.30 -5.41
CA GLY B 20 1.19 27.62 -6.48
C GLY B 20 2.64 27.50 -6.04
N GLU B 21 2.93 27.99 -4.84
CA GLU B 21 4.27 27.90 -4.28
C GLU B 21 4.65 26.44 -4.01
N ALA B 22 3.69 25.66 -3.54
CA ALA B 22 3.92 24.25 -3.26
C ALA B 22 4.12 23.45 -4.55
N LEU B 23 3.49 23.92 -5.63
CA LEU B 23 3.63 23.29 -6.94
C LEU B 23 5.04 23.48 -7.50
N VAL B 24 5.56 24.70 -7.37
CA VAL B 24 6.89 25.02 -7.86
C VAL B 24 7.96 24.27 -7.06
N LYS B 25 7.74 24.15 -5.76
CA LYS B 25 8.66 23.44 -4.88
C LYS B 25 8.72 21.96 -5.24
N SER B 26 7.59 21.41 -5.65
CA SER B 26 7.50 20.00 -6.01
C SER B 26 7.86 19.76 -7.47
N ASN B 27 8.18 20.85 -8.17
CA ASN B 27 8.45 20.82 -9.61
C ASN B 27 7.33 20.13 -10.39
N TYR B 28 6.11 20.56 -10.13
CA TYR B 28 4.96 20.02 -10.85
C TYR B 28 4.15 21.15 -11.48
N ILE B 29 4.56 21.56 -12.68
CA ILE B 29 3.83 22.56 -13.44
C ILE B 29 2.87 21.88 -14.40
N PRO B 30 1.57 21.95 -14.10
CA PRO B 30 0.53 21.25 -14.87
C PRO B 30 0.41 21.73 -16.31
N ASP B 31 0.23 20.79 -17.23
CA ASP B 31 -0.04 21.13 -18.61
C ASP B 31 -1.51 21.54 -18.77
N VAL B 32 -2.37 20.92 -17.95
CA VAL B 32 -3.80 21.18 -17.98
C VAL B 32 -4.36 21.34 -16.58
N LEU B 33 -5.17 22.38 -16.37
CA LEU B 33 -5.93 22.52 -15.14
C LEU B 33 -7.34 21.98 -15.33
N ILE B 34 -7.75 21.04 -14.49
CA ILE B 34 -9.11 20.53 -14.53
C ILE B 34 -9.90 21.00 -13.32
N ALA B 35 -10.86 21.89 -13.57
CA ALA B 35 -11.65 22.47 -12.50
C ALA B 35 -12.86 21.61 -12.17
N VAL B 36 -13.10 21.41 -10.88
CA VAL B 36 -14.31 20.73 -10.43
C VAL B 36 -15.46 21.72 -10.40
N LEU B 37 -16.45 21.50 -11.27
CA LEU B 37 -17.60 22.38 -11.35
C LEU B 37 -18.58 22.11 -10.20
N THR B 38 -19.00 23.17 -9.53
CA THR B 38 -18.61 24.53 -9.86
C THR B 38 -17.84 25.20 -8.71
N GLY B 39 -17.55 24.43 -7.68
CA GLY B 39 -16.89 24.97 -6.50
C GLY B 39 -15.43 25.31 -6.71
N GLY B 40 -14.79 24.64 -7.67
CA GLY B 40 -13.37 24.82 -7.89
C GLY B 40 -13.02 25.67 -9.09
N ILE B 41 -14.03 26.25 -9.74
CA ILE B 41 -13.82 27.00 -10.97
C ILE B 41 -13.22 28.39 -10.70
N ILE B 42 -13.35 28.87 -9.47
CA ILE B 42 -12.74 30.13 -9.08
C ILE B 42 -11.29 29.93 -8.58
N PRO B 43 -11.03 28.88 -7.78
CA PRO B 43 -9.62 28.60 -7.47
C PRO B 43 -8.79 28.27 -8.72
N ALA B 44 -9.37 27.52 -9.65
CA ALA B 44 -8.67 27.13 -10.87
C ALA B 44 -8.29 28.34 -11.71
N LYS B 45 -9.23 29.27 -11.85
CA LYS B 45 -9.00 30.49 -12.62
C LYS B 45 -7.90 31.35 -11.99
N LEU B 46 -7.93 31.48 -10.67
CA LEU B 46 -6.94 32.29 -9.96
C LEU B 46 -5.56 31.66 -9.98
N LEU B 47 -5.51 30.34 -9.82
CA LEU B 47 -4.24 29.61 -9.90
C LEU B 47 -3.68 29.68 -11.31
N SER B 48 -4.58 29.62 -12.29
CA SER B 48 -4.21 29.72 -13.70
C SER B 48 -3.50 31.03 -13.97
N ASP B 49 -4.08 32.13 -13.48
CA ASP B 49 -3.51 33.45 -13.66
C ASP B 49 -2.16 33.58 -12.96
N LEU B 50 -2.05 32.98 -11.78
CA LEU B 50 -0.84 33.06 -10.98
C LEU B 50 0.35 32.38 -11.67
N LEU B 51 0.13 31.17 -12.18
CA LEU B 51 1.21 30.38 -12.76
C LEU B 51 1.22 30.39 -14.28
N ASP B 52 0.40 31.26 -14.88
CA ASP B 52 0.33 31.42 -16.32
C ASP B 52 -0.01 30.10 -17.02
N LEU B 53 -0.98 29.37 -16.47
CA LEU B 53 -1.46 28.13 -17.06
C LEU B 53 -2.64 28.42 -17.98
N LYS B 54 -2.44 28.24 -19.27
CA LYS B 54 -3.40 28.71 -20.27
C LYS B 54 -4.47 27.68 -20.64
N VAL B 55 -4.20 26.41 -20.37
CA VAL B 55 -5.16 25.37 -20.69
C VAL B 55 -5.97 24.96 -19.47
N ILE B 56 -7.27 25.26 -19.50
CA ILE B 56 -8.17 24.86 -18.42
C ILE B 56 -9.31 24.02 -18.96
N ARG B 57 -9.53 22.86 -18.36
CA ARG B 57 -10.66 22.01 -18.70
C ARG B 57 -11.53 21.80 -17.48
N TYR B 58 -12.70 21.20 -17.66
CA TYR B 58 -13.71 21.16 -16.60
C TYR B 58 -14.43 19.82 -16.52
N ILE B 59 -14.92 19.49 -15.34
CA ILE B 59 -15.77 18.32 -15.16
C ILE B 59 -16.97 18.66 -14.28
N ASP B 60 -18.16 18.35 -14.79
CA ASP B 60 -19.39 18.57 -14.05
C ASP B 60 -19.69 17.36 -13.17
N ILE B 61 -19.29 17.43 -11.91
CA ILE B 61 -19.52 16.32 -10.99
C ILE B 61 -20.13 16.84 -9.68
N LYS B 62 -21.12 16.12 -9.18
CA LYS B 62 -21.85 16.54 -7.98
C LYS B 62 -21.90 15.41 -6.96
N PHE B 63 -22.00 15.78 -5.68
CA PHE B 63 -22.05 14.80 -4.60
C PHE B 63 -23.15 15.15 -3.60
N TYR B 64 -24.29 14.48 -3.73
CA TYR B 64 -25.38 14.64 -2.77
C TYR B 64 -25.16 13.76 -1.56
N ARG B 65 -24.99 14.38 -0.39
CA ARG B 65 -24.71 13.65 0.84
C ARG B 65 -25.98 13.45 1.66
N SER B 66 -27.11 13.88 1.12
CA SER B 66 -28.39 13.71 1.80
C SER B 66 -28.84 12.26 1.73
N VAL B 67 -29.56 11.82 2.76
CA VAL B 67 -30.11 10.47 2.80
C VAL B 67 -31.39 10.37 1.98
N GLY B 68 -31.37 9.56 0.93
CA GLY B 68 -30.21 8.79 0.53
C GLY B 68 -30.54 7.80 -0.57
N LYS B 69 -31.14 8.31 -1.65
CA LYS B 69 -31.58 7.46 -2.75
C LYS B 69 -30.46 7.16 -3.74
N THR B 70 -29.29 7.73 -3.49
CA THR B 70 -28.09 7.44 -4.26
C THR B 70 -27.03 6.85 -3.35
N GLU B 71 -26.64 5.60 -3.61
CA GLU B 71 -25.77 4.82 -2.71
C GLU B 71 -24.43 5.49 -2.38
N SER B 72 -24.50 6.73 -1.89
CA SER B 72 -23.35 7.63 -1.84
C SER B 72 -22.84 7.85 -3.26
N LYS B 73 -21.51 7.81 -3.43
CA LYS B 73 -20.84 8.05 -4.72
C LYS B 73 -21.13 9.41 -5.34
N PRO B 74 -20.07 10.16 -5.70
CA PRO B 74 -20.23 11.36 -6.52
C PRO B 74 -20.79 11.00 -7.89
N VAL B 75 -21.56 11.91 -8.49
CA VAL B 75 -22.18 11.63 -9.78
C VAL B 75 -21.68 12.55 -10.87
N ILE B 76 -21.06 11.97 -11.90
CA ILE B 76 -20.61 12.74 -13.05
C ILE B 76 -21.79 13.03 -13.97
N ARG B 77 -21.93 14.29 -14.39
CA ARG B 77 -22.99 14.67 -15.30
C ARG B 77 -22.44 14.95 -16.69
N SER B 78 -21.19 15.40 -16.76
CA SER B 78 -20.54 15.69 -18.04
C SER B 78 -19.04 15.93 -17.84
N VAL B 79 -18.25 15.56 -18.85
CA VAL B 79 -16.81 15.82 -18.84
C VAL B 79 -16.42 16.67 -20.04
N TYR B 80 -15.92 17.88 -19.76
CA TYR B 80 -15.58 18.83 -20.81
C TYR B 80 -14.08 18.88 -21.08
N THR B 81 -13.57 17.96 -21.90
CA THR B 81 -12.15 17.97 -22.25
C THR B 81 -11.81 17.14 -23.48
N ASP B 82 -10.80 17.59 -24.20
CA ASP B 82 -10.22 16.82 -25.29
C ASP B 82 -9.19 15.84 -24.71
N SER B 83 -8.33 15.31 -25.57
CA SER B 83 -7.34 14.32 -25.16
C SER B 83 -6.40 14.85 -24.07
N LEU B 84 -6.08 13.99 -23.11
CA LEU B 84 -5.17 14.36 -22.03
C LEU B 84 -3.96 13.43 -21.99
N GLU B 85 -3.79 12.63 -23.04
CA GLU B 85 -2.72 11.64 -23.08
C GLU B 85 -1.35 12.30 -23.07
N GLY B 86 -0.50 11.84 -22.15
CA GLY B 86 0.86 12.35 -22.05
C GLY B 86 0.96 13.69 -21.35
N LYS B 87 -0.17 14.19 -20.85
CA LYS B 87 -0.23 15.50 -20.21
C LYS B 87 -0.14 15.39 -18.70
N LYS B 88 0.49 16.40 -18.09
CA LYS B 88 0.49 16.53 -16.64
C LYS B 88 -0.76 17.29 -16.20
N VAL B 89 -1.58 16.66 -15.37
CA VAL B 89 -2.89 17.20 -15.04
C VAL B 89 -3.03 17.52 -13.55
N LEU B 90 -3.58 18.70 -13.25
CA LEU B 90 -3.93 19.07 -11.89
C LEU B 90 -5.43 19.25 -11.75
N VAL B 91 -6.03 18.58 -10.76
CA VAL B 91 -7.45 18.71 -10.49
C VAL B 91 -7.68 19.68 -9.34
N VAL B 92 -8.60 20.62 -9.52
CA VAL B 92 -8.81 21.67 -8.53
C VAL B 92 -10.24 21.76 -8.03
N ASP B 93 -10.42 21.60 -6.73
CA ASP B 93 -11.70 21.84 -6.08
C ASP B 93 -11.48 22.80 -4.92
N ASP B 94 -12.55 23.25 -4.26
CA ASP B 94 -12.42 24.25 -3.21
C ASP B 94 -12.26 23.63 -1.82
N VAL B 95 -12.96 22.54 -1.55
CA VAL B 95 -12.84 21.89 -0.24
C VAL B 95 -12.99 20.37 -0.33
N ALA B 96 -12.06 19.66 0.29
CA ALA B 96 -12.14 18.22 0.40
C ALA B 96 -12.79 17.83 1.71
N ASP B 97 -14.10 17.57 1.67
CA ASP B 97 -14.85 17.22 2.87
C ASP B 97 -14.73 15.72 3.15
N THR B 98 -15.00 14.92 2.12
CA THR B 98 -14.85 13.47 2.21
C THR B 98 -13.68 13.01 1.36
N GLY B 99 -13.29 13.85 0.41
CA GLY B 99 -12.22 13.52 -0.52
C GLY B 99 -12.69 12.56 -1.58
N GLU B 100 -14.01 12.34 -1.63
CA GLU B 100 -14.60 11.36 -2.52
C GLU B 100 -14.82 11.90 -3.93
N THR B 101 -15.05 13.21 -4.04
CA THR B 101 -15.22 13.84 -5.35
C THR B 101 -13.89 13.85 -6.11
N LEU B 102 -12.85 14.33 -5.44
CA LEU B 102 -11.51 14.34 -6.02
C LEU B 102 -11.05 12.92 -6.33
N GLU B 103 -11.53 11.96 -5.55
CA GLU B 103 -11.25 10.55 -5.80
C GLU B 103 -11.91 10.10 -7.10
N ALA B 104 -13.18 10.48 -7.27
CA ALA B 104 -13.94 10.09 -8.45
C ALA B 104 -13.39 10.74 -9.72
N VAL B 105 -12.98 12.01 -9.60
CA VAL B 105 -12.42 12.72 -10.74
C VAL B 105 -11.07 12.15 -11.15
N SER B 106 -10.22 11.87 -10.16
CA SER B 106 -8.90 11.31 -10.41
C SER B 106 -8.99 9.96 -11.14
N ASN B 107 -10.05 9.20 -10.86
CA ASN B 107 -10.23 7.89 -11.46
C ASN B 107 -10.58 7.93 -12.93
N VAL B 108 -11.46 8.86 -13.30
CA VAL B 108 -11.91 8.96 -14.69
C VAL B 108 -10.86 9.64 -15.57
N ILE B 109 -10.08 10.54 -14.97
CA ILE B 109 -9.02 11.24 -15.70
C ILE B 109 -7.87 10.28 -16.01
N THR B 110 -7.64 9.33 -15.12
CA THR B 110 -6.61 8.31 -15.32
C THR B 110 -6.87 7.50 -16.58
N MET B 111 -8.15 7.30 -16.89
CA MET B 111 -8.56 6.53 -18.06
C MET B 111 -8.27 7.28 -19.36
N PHE B 112 -7.91 8.55 -19.24
CA PHE B 112 -7.47 9.35 -20.38
C PHE B 112 -5.99 9.13 -20.66
N ASN B 113 -5.39 8.25 -19.85
CA ASN B 113 -3.96 7.95 -19.91
C ASN B 113 -3.07 9.20 -19.94
N PRO B 114 -3.16 10.05 -18.91
CA PRO B 114 -2.27 11.21 -18.89
C PRO B 114 -0.92 10.83 -18.31
N ALA B 115 0.08 11.68 -18.49
CA ALA B 115 1.40 11.45 -17.91
C ALA B 115 1.30 11.32 -16.40
N LYS B 116 0.47 12.18 -15.80
CA LYS B 116 0.28 12.18 -14.36
C LYS B 116 -0.94 13.01 -13.95
N VAL B 117 -1.67 12.53 -12.95
CA VAL B 117 -2.75 13.32 -12.34
C VAL B 117 -2.42 13.61 -10.89
N MET B 118 -2.56 14.87 -10.49
CA MET B 118 -2.43 15.25 -9.10
C MET B 118 -3.63 16.10 -8.70
N THR B 119 -4.02 16.03 -7.44
CA THR B 119 -5.20 16.74 -6.97
C THR B 119 -4.84 17.92 -6.09
N ALA B 120 -5.76 18.87 -5.97
CA ALA B 120 -5.55 20.05 -5.15
C ALA B 120 -6.87 20.67 -4.71
N ALA B 121 -6.96 20.99 -3.42
CA ALA B 121 -8.11 21.67 -2.86
C ALA B 121 -7.64 22.76 -1.91
N LEU B 122 -8.41 23.83 -1.78
CA LEU B 122 -8.02 24.92 -0.89
C LEU B 122 -8.02 24.47 0.57
N TYR B 123 -9.09 23.81 0.98
CA TYR B 123 -9.20 23.40 2.39
C TYR B 123 -9.38 21.89 2.55
N LEU B 124 -8.99 21.40 3.71
CA LEU B 124 -9.07 19.98 4.01
C LEU B 124 -9.72 19.76 5.38
N LYS B 125 -10.63 18.79 5.46
CA LYS B 125 -11.20 18.39 6.73
C LYS B 125 -10.35 17.28 7.33
N PRO B 126 -10.23 17.25 8.67
CA PRO B 126 -9.40 16.25 9.34
C PRO B 126 -9.98 14.85 9.22
N TRP B 127 -11.27 14.76 8.94
CA TRP B 127 -11.94 13.48 8.81
C TRP B 127 -12.06 13.04 7.36
N SER B 128 -11.44 13.81 6.47
CA SER B 128 -11.43 13.47 5.04
C SER B 128 -10.65 12.19 4.81
N LYS B 129 -11.35 11.16 4.34
CA LYS B 129 -10.75 9.85 4.12
C LYS B 129 -9.64 9.92 3.08
N ARG B 130 -9.88 10.67 2.01
CA ARG B 130 -8.88 10.85 0.96
C ARG B 130 -8.27 12.24 1.01
N ILE B 131 -6.95 12.31 0.96
CA ILE B 131 -6.23 13.57 1.10
C ILE B 131 -5.68 14.07 -0.23
N PRO B 132 -5.96 15.34 -0.57
CA PRO B 132 -5.41 15.95 -1.78
C PRO B 132 -3.89 16.08 -1.70
N ASP B 133 -3.23 16.08 -2.86
CA ASP B 133 -1.78 16.24 -2.91
C ASP B 133 -1.38 17.61 -2.37
N PHE B 134 -2.07 18.65 -2.85
CA PHE B 134 -1.81 20.01 -2.40
C PHE B 134 -3.04 20.60 -1.71
N TYR B 135 -2.82 21.24 -0.56
CA TYR B 135 -3.88 21.99 0.09
C TYR B 135 -3.32 23.13 0.94
N TYR B 136 -4.12 24.16 1.14
CA TYR B 136 -3.70 25.35 1.87
C TYR B 136 -3.75 25.13 3.38
N LYS B 137 -4.95 24.95 3.91
CA LYS B 137 -5.12 24.78 5.36
C LYS B 137 -6.14 23.69 5.71
N GLN B 138 -5.93 23.08 6.87
CA GLN B 138 -6.83 22.05 7.37
C GLN B 138 -7.83 22.66 8.36
N ILE B 139 -9.08 22.72 7.95
CA ILE B 139 -10.13 23.34 8.76
C ILE B 139 -11.00 22.26 9.41
N ASP B 140 -11.59 22.57 10.56
CA ASP B 140 -12.46 21.61 11.25
C ASP B 140 -13.87 22.18 11.44
N LYS B 141 -14.18 23.23 10.70
CA LYS B 141 -15.47 23.91 10.84
C LYS B 141 -16.20 24.05 9.51
N TRP B 142 -17.45 24.48 9.56
CA TRP B 142 -18.24 24.68 8.35
C TRP B 142 -17.71 25.88 7.58
N ILE B 143 -17.29 25.64 6.34
CA ILE B 143 -16.72 26.71 5.51
C ILE B 143 -17.77 27.39 4.64
N ILE B 144 -17.87 28.71 4.79
CA ILE B 144 -18.70 29.51 3.91
C ILE B 144 -17.81 30.27 2.93
N PHE B 145 -17.73 29.76 1.70
CA PHE B 145 -16.94 30.42 0.66
C PHE B 145 -17.65 31.68 0.17
N PRO B 146 -16.89 32.60 -0.44
CA PRO B 146 -17.52 33.81 -1.00
C PRO B 146 -18.45 33.49 -2.17
N TRP B 147 -18.25 32.35 -2.82
CA TRP B 147 -19.04 32.01 -4.00
C TRP B 147 -20.19 31.04 -3.71
N ASP B 148 -20.48 30.82 -2.43
CA ASP B 148 -21.63 29.99 -2.06
C ASP B 148 -22.27 30.50 -0.78
N LYS B 149 -21.94 31.73 -0.39
CA LYS B 149 -22.47 32.31 0.84
C LYS B 149 -23.98 32.48 0.79
N TRP B 150 -24.50 32.86 -0.37
CA TRP B 150 -25.94 33.07 -0.53
C TRP B 150 -26.68 31.74 -0.58
N ASP B 151 -25.97 30.69 -0.96
CA ASP B 151 -26.52 29.34 -0.91
C ASP B 151 -26.72 28.94 0.54
N VAL B 152 -25.74 29.27 1.38
CA VAL B 152 -25.80 28.97 2.81
C VAL B 152 -26.84 29.83 3.51
N VAL B 153 -26.93 31.10 3.13
CA VAL B 153 -27.92 32.02 3.70
C VAL B 153 -29.34 31.51 3.47
N ARG B 154 -29.59 31.01 2.28
CA ARG B 154 -30.90 30.46 1.94
C ARG B 154 -31.19 29.19 2.72
N GLU B 155 -30.14 28.52 3.17
CA GLU B 155 -30.29 27.29 3.96
C GLU B 155 -30.35 27.62 5.45
N ASN B 156 -29.55 28.59 5.88
CA ASN B 156 -29.57 29.05 7.26
C ASN B 156 -29.44 30.58 7.30
N SER B 157 -30.51 31.24 7.72
CA SER B 157 -30.55 32.71 7.70
C SER B 157 -29.84 33.34 8.89
N ASN B 158 -29.29 32.51 9.78
CA ASN B 158 -28.64 33.01 10.98
C ASN B 158 -27.12 33.12 10.85
N VAL B 159 -26.62 33.06 9.62
CA VAL B 159 -25.17 33.16 9.39
C VAL B 159 -24.72 34.62 9.32
N PRO B 160 -23.61 34.93 10.00
CA PRO B 160 -23.06 36.29 10.08
C PRO B 160 -22.24 36.66 8.84
N VAL B 161 -22.92 37.01 7.75
CA VAL B 161 -22.24 37.40 6.51
C VAL B 161 -22.62 38.82 6.09
N ASP B 162 -21.69 39.50 5.44
CA ASP B 162 -21.90 40.88 5.01
C ASP B 162 -22.92 40.98 3.88
N LYS B 163 -23.52 42.16 3.76
CA LYS B 163 -24.46 42.48 2.68
C LYS B 163 -25.68 41.56 2.65
N LYS B 164 -26.00 40.95 3.78
CA LYS B 164 -27.10 40.00 3.85
C LYS B 164 -28.45 40.69 3.71
N GLU B 165 -28.59 41.86 4.34
CA GLU B 165 -29.85 42.61 4.27
C GLU B 165 -30.19 42.98 2.83
N ARG B 166 -29.18 43.30 2.04
CA ARG B 166 -29.39 43.62 0.64
C ARG B 166 -29.83 42.40 -0.15
N PHE B 167 -29.28 41.24 0.20
CA PHE B 167 -29.62 39.99 -0.48
C PHE B 167 -31.06 39.57 -0.21
N LEU B 168 -31.47 39.65 1.05
CA LEU B 168 -32.80 39.20 1.45
C LEU B 168 -33.90 39.99 0.73
N ASN B 169 -33.70 41.29 0.58
CA ASN B 169 -34.61 42.12 -0.19
C ASN B 169 -34.71 41.62 -1.63
N LEU B 170 -33.55 41.39 -2.23
CA LEU B 170 -33.47 40.84 -3.58
C LEU B 170 -34.11 39.46 -3.64
N TYR B 171 -33.90 38.67 -2.59
CA TYR B 171 -34.47 37.33 -2.50
C TYR B 171 -35.99 37.37 -2.45
N ASN B 172 -36.52 38.32 -1.69
CA ASN B 172 -37.96 38.48 -1.54
C ASN B 172 -38.63 38.89 -2.85
N GLN B 173 -37.96 39.75 -3.60
CA GLN B 173 -38.45 40.15 -4.91
C GLN B 173 -38.37 38.98 -5.88
N LEU B 174 -37.44 38.07 -5.62
CA LEU B 174 -37.18 36.94 -6.50
C LEU B 174 -38.22 35.84 -6.32
N LEU B 175 -38.58 35.56 -5.08
CA LEU B 175 -39.58 34.53 -4.78
C LEU B 175 -40.98 34.97 -5.18
N LYS B 176 -41.17 36.28 -5.30
CA LYS B 176 -42.48 36.85 -5.63
C LYS B 176 -42.80 36.71 -7.11
N ILE B 177 -41.86 36.20 -7.89
CA ILE B 177 -42.05 36.05 -9.34
C ILE B 177 -41.60 34.69 -9.87
N ARG B 178 -41.42 33.71 -9.00
CA ARG B 178 -41.07 32.37 -9.44
C ARG B 178 -42.27 31.43 -9.38
N VAL C 2 25.57 -4.67 43.43
CA VAL C 2 24.65 -4.64 42.30
C VAL C 2 24.63 -3.25 41.66
N GLU C 3 25.38 -3.10 40.58
CA GLU C 3 25.44 -1.84 39.85
C GLU C 3 24.62 -1.87 38.56
N TYR C 4 23.51 -1.15 38.57
CA TYR C 4 22.62 -1.09 37.41
C TYR C 4 22.77 0.21 36.63
N HIS C 5 22.66 0.12 35.31
CA HIS C 5 22.55 1.31 34.48
C HIS C 5 21.17 1.37 33.85
N ILE C 6 20.41 2.40 34.20
CA ILE C 6 19.03 2.53 33.74
C ILE C 6 18.86 3.78 32.87
N PRO C 7 19.09 3.63 31.56
CA PRO C 7 19.00 4.77 30.64
C PRO C 7 17.57 5.27 30.45
N SER C 8 17.39 6.59 30.49
CA SER C 8 16.09 7.19 30.25
C SER C 8 15.76 7.16 28.76
N TRP C 9 14.50 7.41 28.43
CA TRP C 9 14.08 7.50 27.03
C TRP C 9 14.87 8.58 26.31
N ASP C 10 15.23 9.63 27.03
CA ASP C 10 16.00 10.74 26.48
C ASP C 10 17.40 10.29 26.05
N GLU C 11 18.00 9.40 26.84
CA GLU C 11 19.32 8.87 26.49
C GLU C 11 19.21 7.93 25.29
N ILE C 12 18.14 7.14 25.25
CA ILE C 12 17.88 6.25 24.13
C ILE C 12 17.83 7.04 22.83
N GLU C 13 17.15 8.18 22.86
CA GLU C 13 17.09 9.07 21.71
C GLU C 13 18.47 9.59 21.34
N ASP C 14 19.29 9.85 22.36
CA ASP C 14 20.65 10.31 22.14
C ASP C 14 21.52 9.20 21.55
N ALA C 15 21.25 7.97 21.95
CA ALA C 15 21.98 6.81 21.45
C ALA C 15 21.72 6.63 19.95
N VAL C 16 20.44 6.74 19.57
CA VAL C 16 20.04 6.57 18.18
C VAL C 16 20.61 7.67 17.30
N PHE C 17 20.57 8.91 17.80
CA PHE C 17 21.14 10.04 17.08
C PHE C 17 22.62 9.83 16.78
N SER C 18 23.33 9.28 17.75
CA SER C 18 24.77 9.02 17.61
C SER C 18 25.03 8.02 16.49
N ILE C 19 24.26 6.94 16.47
CA ILE C 19 24.37 5.94 15.42
C ILE C 19 24.10 6.55 14.05
N GLY C 20 23.00 7.28 13.95
CA GLY C 20 22.61 7.93 12.71
C GLY C 20 23.67 8.87 12.18
N GLU C 21 24.21 9.71 13.06
CA GLU C 21 25.28 10.61 12.69
C GLU C 21 26.51 9.82 12.23
N ALA C 22 26.85 8.76 12.97
CA ALA C 22 27.97 7.91 12.64
C ALA C 22 27.79 7.26 11.27
N LEU C 23 26.56 6.82 11.00
CA LEU C 23 26.23 6.20 9.72
C LEU C 23 26.41 7.18 8.56
N VAL C 24 26.05 8.44 8.79
CA VAL C 24 26.15 9.46 7.77
C VAL C 24 27.60 9.87 7.53
N LYS C 25 28.35 10.06 8.62
CA LYS C 25 29.76 10.44 8.52
C LYS C 25 30.60 9.33 7.90
N SER C 26 30.12 8.10 8.00
CA SER C 26 30.82 6.95 7.44
C SER C 26 30.33 6.63 6.02
N ASN C 27 29.41 7.45 5.54
CA ASN C 27 28.83 7.29 4.21
C ASN C 27 28.18 5.92 4.01
N TYR C 28 27.56 5.40 5.08
CA TYR C 28 26.84 4.14 4.97
C TYR C 28 25.36 4.32 5.31
N ILE C 29 24.58 4.59 4.28
CA ILE C 29 23.14 4.70 4.44
C ILE C 29 22.47 3.41 4.00
N PRO C 30 21.91 2.65 4.96
CA PRO C 30 21.36 1.32 4.70
C PRO C 30 20.13 1.34 3.79
N ASP C 31 20.05 0.38 2.88
CA ASP C 31 18.86 0.18 2.09
C ASP C 31 17.82 -0.56 2.92
N VAL C 32 18.31 -1.46 3.77
CA VAL C 32 17.46 -2.30 4.60
C VAL C 32 17.97 -2.38 6.03
N LEU C 33 17.06 -2.22 6.99
CA LEU C 33 17.38 -2.47 8.39
C LEU C 33 16.89 -3.85 8.81
N ILE C 34 17.76 -4.62 9.44
CA ILE C 34 17.37 -5.89 10.03
C ILE C 34 17.27 -5.75 11.55
N ALA C 35 16.04 -5.72 12.06
CA ALA C 35 15.82 -5.60 13.49
C ALA C 35 15.93 -6.96 14.17
N VAL C 36 16.77 -7.04 15.18
CA VAL C 36 16.87 -8.25 15.99
C VAL C 36 15.70 -8.30 16.98
N LEU C 37 14.83 -9.28 16.82
CA LEU C 37 13.65 -9.41 17.67
C LEU C 37 14.03 -10.02 19.02
N THR C 38 13.54 -9.44 20.11
CA THR C 38 12.66 -8.28 20.05
C THR C 38 13.32 -7.07 20.71
N GLY C 39 14.60 -7.19 21.04
CA GLY C 39 15.32 -6.15 21.74
C GLY C 39 15.68 -4.96 20.87
N GLY C 40 15.98 -5.20 19.61
CA GLY C 40 16.40 -4.15 18.70
C GLY C 40 15.27 -3.60 17.85
N ILE C 41 14.04 -3.96 18.19
CA ILE C 41 12.88 -3.58 17.38
C ILE C 41 12.48 -2.12 17.61
N ILE C 42 12.76 -1.60 18.80
CA ILE C 42 12.51 -0.19 19.11
C ILE C 42 13.65 0.71 18.61
N PRO C 43 14.92 0.30 18.81
CA PRO C 43 15.99 1.12 18.20
C PRO C 43 15.89 1.20 16.68
N ALA C 44 15.53 0.09 16.04
CA ALA C 44 15.40 0.07 14.58
C ALA C 44 14.32 1.03 14.11
N LYS C 45 13.21 1.08 14.85
CA LYS C 45 12.11 1.98 14.52
C LYS C 45 12.52 3.44 14.62
N LEU C 46 13.18 3.79 15.73
CA LEU C 46 13.64 5.16 15.95
C LEU C 46 14.72 5.55 14.94
N LEU C 47 15.56 4.59 14.59
CA LEU C 47 16.62 4.83 13.60
C LEU C 47 16.02 5.00 12.22
N SER C 48 14.97 4.24 11.94
CA SER C 48 14.26 4.33 10.67
C SER C 48 13.65 5.71 10.47
N ASP C 49 13.04 6.23 11.52
CA ASP C 49 12.39 7.53 11.45
C ASP C 49 13.41 8.66 11.30
N LEU C 50 14.52 8.55 12.03
CA LEU C 50 15.55 9.58 12.02
C LEU C 50 16.23 9.70 10.65
N LEU C 51 16.51 8.56 10.03
CA LEU C 51 17.23 8.54 8.76
C LEU C 51 16.30 8.34 7.56
N ASP C 52 15.00 8.29 7.83
CA ASP C 52 13.99 8.07 6.79
C ASP C 52 14.24 6.75 6.04
N LEU C 53 14.61 5.72 6.79
CA LEU C 53 14.80 4.39 6.22
C LEU C 53 13.46 3.66 6.17
N LYS C 54 12.99 3.36 4.97
CA LYS C 54 11.62 2.91 4.77
C LYS C 54 11.44 1.40 4.84
N VAL C 55 12.50 0.65 4.61
CA VAL C 55 12.41 -0.81 4.60
C VAL C 55 13.03 -1.43 5.85
N ILE C 56 12.18 -2.02 6.69
CA ILE C 56 12.64 -2.70 7.90
C ILE C 56 12.28 -4.18 7.85
N ARG C 57 13.26 -5.04 8.10
CA ARG C 57 13.00 -6.47 8.18
C ARG C 57 13.43 -7.01 9.54
N TYR C 58 13.08 -8.26 9.82
CA TYR C 58 13.18 -8.79 11.17
C TYR C 58 13.68 -10.23 11.21
N ILE C 59 14.51 -10.55 12.21
CA ILE C 59 14.93 -11.91 12.44
C ILE C 59 14.66 -12.32 13.89
N ASP C 60 13.97 -13.45 14.06
CA ASP C 60 13.61 -13.93 15.39
C ASP C 60 14.72 -14.83 15.93
N ILE C 61 15.63 -14.25 16.71
CA ILE C 61 16.74 -15.01 17.27
C ILE C 61 16.90 -14.77 18.78
N LYS C 62 16.86 -15.86 19.55
CA LYS C 62 16.97 -15.77 21.00
C LYS C 62 18.22 -16.55 21.44
N PHE C 63 18.98 -15.95 22.36
CA PHE C 63 20.23 -16.51 22.86
C PHE C 63 20.01 -17.48 23.99
N TYR C 64 20.35 -18.75 23.78
CA TYR C 64 20.17 -19.76 24.80
C TYR C 64 21.48 -20.05 25.53
N PRO C 74 23.23 -18.87 20.28
CA PRO C 74 22.07 -18.19 19.68
C PRO C 74 21.28 -19.11 18.76
N VAL C 75 19.95 -19.02 18.82
CA VAL C 75 19.09 -19.87 18.02
C VAL C 75 18.08 -19.07 17.20
N ILE C 76 18.09 -19.28 15.89
CA ILE C 76 17.13 -18.62 15.00
C ILE C 76 15.80 -19.37 15.00
N ARG C 77 14.71 -18.64 15.24
CA ARG C 77 13.38 -19.24 15.24
C ARG C 77 12.66 -18.96 13.93
N SER C 78 12.93 -17.80 13.34
CA SER C 78 12.35 -17.44 12.06
C SER C 78 13.13 -16.29 11.42
N VAL C 79 13.05 -16.20 10.09
CA VAL C 79 13.66 -15.09 9.36
C VAL C 79 12.60 -14.40 8.51
N TYR C 80 12.20 -13.21 8.93
CA TYR C 80 11.15 -12.47 8.24
C TYR C 80 11.71 -11.47 7.23
N THR C 81 12.17 -11.96 6.09
CA THR C 81 12.69 -11.07 5.06
C THR C 81 12.60 -11.66 3.65
N ASP C 82 12.49 -10.77 2.67
CA ASP C 82 12.54 -11.16 1.27
C ASP C 82 13.96 -11.02 0.75
N SER C 83 14.12 -10.93 -0.56
CA SER C 83 15.44 -10.83 -1.18
C SER C 83 16.21 -9.60 -0.68
N LEU C 84 17.49 -9.82 -0.37
CA LEU C 84 18.36 -8.75 0.12
C LEU C 84 19.57 -8.58 -0.80
N GLU C 85 19.51 -9.19 -1.97
CA GLU C 85 20.64 -9.22 -2.88
C GLU C 85 20.97 -7.83 -3.44
N GLY C 86 22.26 -7.48 -3.42
CA GLY C 86 22.72 -6.23 -3.97
C GLY C 86 22.33 -5.01 -3.16
N LYS C 87 21.98 -5.22 -1.89
CA LYS C 87 21.54 -4.13 -1.04
C LYS C 87 22.43 -3.95 0.18
N LYS C 88 22.59 -2.70 0.62
CA LYS C 88 23.35 -2.39 1.82
C LYS C 88 22.48 -2.64 3.06
N VAL C 89 22.95 -3.50 3.94
CA VAL C 89 22.17 -3.94 5.09
C VAL C 89 22.82 -3.57 6.42
N LEU C 90 22.01 -3.06 7.35
CA LEU C 90 22.47 -2.78 8.70
C LEU C 90 21.64 -3.55 9.73
N VAL C 91 22.32 -4.35 10.55
CA VAL C 91 21.65 -5.11 11.58
C VAL C 91 21.62 -4.33 12.89
N VAL C 92 20.47 -4.32 13.55
CA VAL C 92 20.28 -3.49 14.75
C VAL C 92 19.79 -4.28 15.96
N ASP C 93 20.53 -4.17 17.05
CA ASP C 93 20.13 -4.75 18.33
C ASP C 93 20.31 -3.70 19.42
N ASP C 94 19.83 -3.97 20.64
CA ASP C 94 19.88 -2.97 21.70
C ASP C 94 21.13 -3.10 22.58
N VAL C 95 21.62 -4.33 22.76
CA VAL C 95 22.79 -4.55 23.60
C VAL C 95 23.65 -5.71 23.08
N ALA C 96 24.97 -5.53 23.11
CA ALA C 96 25.90 -6.55 22.67
C ALA C 96 26.93 -6.89 23.75
N ASP C 97 26.76 -8.04 24.38
CA ASP C 97 27.74 -8.55 25.33
C ASP C 97 28.74 -9.40 24.55
N THR C 98 28.43 -10.69 24.44
CA THR C 98 29.28 -11.62 23.70
C THR C 98 29.38 -11.21 22.24
N GLY C 99 28.31 -10.61 21.72
CA GLY C 99 28.27 -10.19 20.33
C GLY C 99 28.11 -11.36 19.40
N GLU C 100 27.77 -12.51 19.97
CA GLU C 100 27.54 -13.71 19.18
C GLU C 100 26.30 -13.56 18.32
N THR C 101 25.26 -12.95 18.89
CA THR C 101 23.99 -12.77 18.19
C THR C 101 24.15 -11.94 16.92
N LEU C 102 24.79 -10.77 17.07
CA LEU C 102 25.04 -9.89 15.93
C LEU C 102 25.91 -10.58 14.89
N GLU C 103 26.86 -11.38 15.35
CA GLU C 103 27.70 -12.15 14.45
C GLU C 103 26.89 -13.23 13.75
N ALA C 104 26.01 -13.87 14.51
CA ALA C 104 25.16 -14.93 13.97
C ALA C 104 24.21 -14.39 12.91
N VAL C 105 23.60 -13.25 13.20
CA VAL C 105 22.68 -12.61 12.26
C VAL C 105 23.43 -12.15 11.01
N SER C 106 24.62 -11.60 11.20
CA SER C 106 25.43 -11.14 10.07
C SER C 106 25.82 -12.30 9.16
N ASN C 107 26.05 -13.46 9.76
CA ASN C 107 26.46 -14.63 9.00
C ASN C 107 25.35 -15.21 8.13
N VAL C 108 24.11 -15.14 8.61
CA VAL C 108 22.98 -15.68 7.84
C VAL C 108 22.51 -14.66 6.80
N ILE C 109 22.64 -13.37 7.11
CA ILE C 109 22.29 -12.32 6.17
C ILE C 109 23.24 -12.33 4.97
N THR C 110 24.51 -12.63 5.24
CA THR C 110 25.53 -12.70 4.19
C THR C 110 25.16 -13.75 3.15
N MET C 111 24.40 -14.76 3.56
CA MET C 111 23.97 -15.82 2.66
C MET C 111 22.89 -15.35 1.68
N PHE C 112 22.38 -14.14 1.91
CA PHE C 112 21.40 -13.54 1.01
C PHE C 112 22.11 -12.75 -0.09
N ASN C 113 23.44 -12.83 -0.10
CA ASN C 113 24.28 -12.09 -1.03
C ASN C 113 23.95 -10.58 -1.10
N PRO C 114 23.99 -9.88 0.04
CA PRO C 114 23.76 -8.45 -0.06
C PRO C 114 25.03 -7.72 -0.48
N ALA C 115 24.92 -6.43 -0.80
CA ALA C 115 26.09 -5.64 -1.15
C ALA C 115 27.05 -5.60 0.03
N LYS C 116 26.49 -5.38 1.22
CA LYS C 116 27.30 -5.33 2.44
C LYS C 116 26.43 -5.50 3.69
N VAL C 117 27.01 -6.12 4.71
CA VAL C 117 26.34 -6.24 6.00
C VAL C 117 27.15 -5.54 7.09
N MET C 118 26.48 -4.71 7.87
CA MET C 118 27.11 -4.08 9.03
C MET C 118 26.20 -4.21 10.24
N THR C 119 26.80 -4.24 11.42
CA THR C 119 26.04 -4.44 12.65
C THR C 119 26.08 -3.21 13.55
N ALA C 120 25.01 -3.00 14.29
CA ALA C 120 24.92 -1.88 15.22
C ALA C 120 24.19 -2.27 16.49
N ALA C 121 24.71 -1.82 17.63
CA ALA C 121 24.06 -2.01 18.92
C ALA C 121 24.11 -0.70 19.69
N LEU C 122 23.10 -0.44 20.50
CA LEU C 122 23.06 0.79 21.29
C LEU C 122 24.21 0.81 22.29
N TYR C 123 24.30 -0.23 23.11
CA TYR C 123 25.35 -0.30 24.12
C TYR C 123 26.26 -1.51 23.90
N LEU C 124 27.53 -1.36 24.27
CA LEU C 124 28.52 -2.41 24.08
C LEU C 124 29.22 -2.77 25.38
N LYS C 125 29.35 -4.07 25.64
CA LYS C 125 30.10 -4.54 26.79
C LYS C 125 31.60 -4.51 26.49
N PRO C 126 32.42 -4.16 27.50
CA PRO C 126 33.86 -3.90 27.33
C PRO C 126 34.65 -5.03 26.69
N TRP C 127 34.42 -6.26 27.16
CA TRP C 127 35.23 -7.40 26.73
C TRP C 127 34.45 -8.28 25.76
N SER C 128 34.22 -7.76 24.55
CA SER C 128 33.37 -8.40 23.56
C SER C 128 34.16 -9.24 22.54
N LYS C 129 33.54 -10.30 22.06
CA LYS C 129 34.12 -11.13 21.01
C LYS C 129 34.23 -10.30 19.73
N ARG C 130 33.14 -10.29 18.98
CA ARG C 130 33.03 -9.46 17.79
C ARG C 130 32.43 -8.10 18.16
N ILE C 131 33.15 -7.03 17.85
CA ILE C 131 32.66 -5.70 18.15
C ILE C 131 31.87 -5.14 16.97
N PRO C 132 30.64 -4.68 17.23
CA PRO C 132 29.75 -4.10 16.21
C PRO C 132 30.41 -2.95 15.44
N ASP C 133 30.01 -2.77 14.20
CA ASP C 133 30.55 -1.71 13.37
C ASP C 133 30.20 -0.34 13.94
N PHE C 134 29.00 -0.25 14.51
CA PHE C 134 28.53 1.00 15.11
C PHE C 134 27.95 0.76 16.50
N TYR C 135 28.24 1.68 17.41
CA TYR C 135 27.64 1.66 18.74
C TYR C 135 27.70 3.04 19.39
N TYR C 136 26.86 3.25 20.39
CA TYR C 136 26.79 4.55 21.06
C TYR C 136 27.87 4.68 22.14
N LYS C 137 27.68 3.99 23.25
CA LYS C 137 28.65 4.03 24.34
C LYS C 137 28.92 2.66 24.94
N GLN C 138 30.15 2.47 25.40
CA GLN C 138 30.58 1.22 26.02
C GLN C 138 30.27 1.25 27.51
N ILE C 139 29.58 0.21 27.98
CA ILE C 139 29.11 0.16 29.36
C ILE C 139 29.47 -1.13 30.07
N ASP C 140 29.99 -1.02 31.30
CA ASP C 140 30.24 -2.19 32.13
C ASP C 140 29.25 -2.22 33.29
N LYS C 141 27.96 -2.22 32.95
CA LYS C 141 26.89 -2.30 33.93
C LYS C 141 25.77 -3.18 33.40
N TRP C 142 24.96 -3.75 34.29
CA TRP C 142 23.77 -4.46 33.87
C TRP C 142 22.73 -3.46 33.39
N ILE C 143 22.56 -3.38 32.08
CA ILE C 143 21.70 -2.37 31.47
C ILE C 143 20.23 -2.74 31.53
N ILE C 144 19.41 -1.80 32.02
CA ILE C 144 17.97 -2.00 32.09
C ILE C 144 17.25 -1.06 31.14
N PHE C 145 16.83 -1.61 30.00
CA PHE C 145 16.13 -0.82 28.99
C PHE C 145 14.69 -0.54 29.42
N PRO C 146 14.11 0.56 28.92
CA PRO C 146 12.72 0.90 29.25
C PRO C 146 11.71 -0.12 28.72
N TRP C 147 12.15 -1.01 27.81
CA TRP C 147 11.25 -1.98 27.22
C TRP C 147 11.48 -3.40 27.72
N ASP C 148 12.31 -3.54 28.77
CA ASP C 148 12.45 -4.83 29.44
C ASP C 148 12.62 -4.63 30.94
N LYS C 149 12.12 -3.50 31.43
CA LYS C 149 12.22 -3.17 32.84
C LYS C 149 11.32 -4.04 33.70
N TRP C 150 10.13 -4.36 33.20
CA TRP C 150 9.19 -5.17 33.96
C TRP C 150 9.58 -6.64 33.92
N ASP C 151 10.42 -7.00 32.97
CA ASP C 151 10.98 -8.35 32.91
C ASP C 151 11.96 -8.52 34.06
N VAL C 152 12.75 -7.48 34.32
CA VAL C 152 13.70 -7.49 35.41
C VAL C 152 13.00 -7.39 36.76
N VAL C 153 11.96 -6.56 36.83
CA VAL C 153 11.17 -6.39 38.05
C VAL C 153 10.56 -7.73 38.48
N ARG C 154 10.16 -8.54 37.50
CA ARG C 154 9.65 -9.87 37.79
C ARG C 154 10.80 -10.80 38.20
N GLU C 155 11.96 -10.63 37.57
CA GLU C 155 13.13 -11.42 37.89
C GLU C 155 13.61 -11.12 39.31
N ASN C 156 14.13 -9.91 39.52
CA ASN C 156 14.42 -9.44 40.86
C ASN C 156 13.15 -8.82 41.44
N SER C 157 13.25 -7.64 42.06
CA SER C 157 12.08 -6.89 42.53
C SER C 157 12.39 -5.48 43.00
N ASN C 158 13.48 -5.34 43.77
CA ASN C 158 13.83 -4.05 44.34
C ASN C 158 14.78 -3.25 43.45
N VAL C 159 14.74 -3.55 42.16
CA VAL C 159 15.44 -2.76 41.16
C VAL C 159 14.93 -1.31 41.23
N PRO C 160 15.86 -0.35 41.23
CA PRO C 160 15.46 1.06 41.37
C PRO C 160 14.78 1.61 40.11
N VAL C 161 13.57 1.14 39.83
CA VAL C 161 12.82 1.62 38.67
C VAL C 161 11.55 2.34 39.11
N ASP C 162 11.04 3.20 38.24
CA ASP C 162 9.87 4.02 38.56
C ASP C 162 8.57 3.28 38.27
N LYS C 163 7.48 3.81 38.81
CA LYS C 163 6.13 3.27 38.58
C LYS C 163 6.02 1.81 39.00
N LYS C 164 6.80 1.43 40.00
CA LYS C 164 6.89 0.04 40.44
C LYS C 164 5.65 -0.41 41.19
N GLU C 165 4.94 0.54 41.80
CA GLU C 165 3.73 0.23 42.54
C GLU C 165 2.57 -0.12 41.62
N ARG C 166 2.46 0.62 40.52
CA ARG C 166 1.36 0.42 39.58
C ARG C 166 1.50 -0.92 38.86
N PHE C 167 2.74 -1.37 38.68
CA PHE C 167 3.00 -2.66 38.04
C PHE C 167 2.62 -3.82 38.96
N LEU C 168 3.05 -3.75 40.21
CA LEU C 168 2.80 -4.83 41.17
C LEU C 168 1.31 -5.06 41.40
N ASN C 169 0.55 -3.97 41.54
CA ASN C 169 -0.89 -4.07 41.67
C ASN C 169 -1.50 -4.76 40.45
N LEU C 170 -0.96 -4.44 39.28
CA LEU C 170 -1.40 -5.05 38.04
C LEU C 170 -0.85 -6.47 37.92
N TYR C 171 0.37 -6.67 38.40
CA TYR C 171 1.03 -7.97 38.32
C TYR C 171 0.35 -9.00 39.21
N ASN C 172 0.09 -8.63 40.46
CA ASN C 172 -0.54 -9.54 41.42
C ASN C 172 -1.91 -10.01 40.95
N GLN C 173 -2.66 -9.13 40.30
CA GLN C 173 -3.99 -9.47 39.83
C GLN C 173 -3.94 -10.43 38.64
N LEU C 174 -2.80 -10.45 37.95
CA LEU C 174 -2.60 -11.36 36.83
C LEU C 174 -2.57 -12.81 37.30
N LEU C 175 -1.89 -13.06 38.41
CA LEU C 175 -1.81 -14.40 38.98
C LEU C 175 -3.16 -14.83 39.55
N LYS C 176 -4.01 -13.85 39.82
CA LYS C 176 -5.38 -14.12 40.26
C LYS C 176 -6.24 -14.53 39.08
N ILE C 177 -5.63 -14.56 37.91
CA ILE C 177 -6.30 -14.96 36.67
C ILE C 177 -5.53 -16.09 35.99
N ARG C 178 -4.21 -16.10 36.18
CA ARG C 178 -3.35 -17.07 35.52
C ARG C 178 -3.13 -18.31 36.37
N VAL D 2 -1.68 24.53 14.07
CA VAL D 2 -2.43 25.11 15.18
C VAL D 2 -2.41 24.18 16.39
N GLU D 3 -3.04 23.02 16.24
CA GLU D 3 -3.25 22.11 17.35
C GLU D 3 -2.59 20.76 17.14
N TYR D 4 -1.49 20.53 17.86
CA TYR D 4 -0.81 19.24 17.85
C TYR D 4 -0.84 18.61 19.24
N HIS D 5 -0.96 17.30 19.28
CA HIS D 5 -0.74 16.57 20.52
C HIS D 5 0.60 15.85 20.44
N ILE D 6 1.53 16.26 21.28
CA ILE D 6 2.87 15.69 21.28
C ILE D 6 3.13 14.96 22.60
N PRO D 7 2.72 13.68 22.67
CA PRO D 7 2.84 12.90 23.90
C PRO D 7 4.28 12.64 24.30
N SER D 8 4.60 12.82 25.58
CA SER D 8 5.90 12.48 26.09
C SER D 8 6.05 10.96 26.14
N TRP D 9 7.27 10.49 26.32
CA TRP D 9 7.50 9.06 26.49
C TRP D 9 6.79 8.55 27.74
N ASP D 10 6.70 9.43 28.74
CA ASP D 10 6.02 9.12 29.99
C ASP D 10 4.53 8.87 29.77
N GLU D 11 3.95 9.60 28.83
CA GLU D 11 2.53 9.44 28.52
C GLU D 11 2.27 8.14 27.77
N ILE D 12 3.20 7.76 26.90
CA ILE D 12 3.09 6.52 26.15
C ILE D 12 3.04 5.32 27.10
N GLU D 13 3.86 5.37 28.14
CA GLU D 13 3.87 4.33 29.16
C GLU D 13 2.53 4.25 29.88
N ASP D 14 1.96 5.41 30.20
CA ASP D 14 0.66 5.47 30.85
C ASP D 14 -0.43 4.93 29.93
N ALA D 15 -0.23 5.08 28.62
CA ALA D 15 -1.15 4.55 27.63
C ALA D 15 -1.08 3.03 27.61
N VAL D 16 0.15 2.51 27.60
CA VAL D 16 0.39 1.07 27.65
C VAL D 16 -0.15 0.48 28.94
N PHE D 17 0.09 1.19 30.04
CA PHE D 17 -0.39 0.78 31.35
C PHE D 17 -1.92 0.71 31.40
N SER D 18 -2.56 1.72 30.85
CA SER D 18 -4.02 1.80 30.85
C SER D 18 -4.65 0.67 30.03
N ILE D 19 -4.06 0.38 28.88
CA ILE D 19 -4.55 -0.70 28.02
C ILE D 19 -4.32 -2.05 28.69
N GLY D 20 -3.17 -2.20 29.35
CA GLY D 20 -2.87 -3.41 30.10
C GLY D 20 -3.85 -3.64 31.22
N GLU D 21 -4.20 -2.57 31.94
CA GLU D 21 -5.15 -2.65 33.03
C GLU D 21 -6.53 -3.08 32.55
N ALA D 22 -6.98 -2.51 31.43
CA ALA D 22 -8.27 -2.82 30.86
C ALA D 22 -8.35 -4.28 30.40
N LEU D 23 -7.24 -4.78 29.87
CA LEU D 23 -7.15 -6.17 29.44
C LEU D 23 -7.33 -7.13 30.61
N VAL D 24 -6.74 -6.77 31.74
CA VAL D 24 -6.83 -7.58 32.95
C VAL D 24 -8.22 -7.50 33.56
N LYS D 25 -8.79 -6.30 33.57
CA LYS D 25 -10.15 -6.09 34.07
C LYS D 25 -11.17 -6.89 33.27
N SER D 26 -11.04 -6.87 31.96
CA SER D 26 -11.96 -7.57 31.07
C SER D 26 -11.60 -9.05 30.94
N ASN D 27 -10.56 -9.46 31.65
CA ASN D 27 -10.08 -10.84 31.65
C ASN D 27 -9.81 -11.35 30.23
N TYR D 28 -9.05 -10.56 29.47
CA TYR D 28 -8.64 -10.99 28.14
C TYR D 28 -7.12 -10.95 28.02
N ILE D 29 -6.49 -12.06 28.38
CA ILE D 29 -5.04 -12.18 28.28
C ILE D 29 -4.65 -12.84 26.96
N PRO D 30 -4.06 -12.05 26.04
CA PRO D 30 -3.72 -12.50 24.69
C PRO D 30 -2.70 -13.63 24.68
N ASP D 31 -2.92 -14.63 23.85
CA ASP D 31 -1.95 -15.69 23.64
C ASP D 31 -0.87 -15.22 22.66
N VAL D 32 -1.28 -14.36 21.73
CA VAL D 32 -0.38 -13.83 20.71
C VAL D 32 -0.64 -12.35 20.47
N LEU D 33 0.43 -11.57 20.36
CA LEU D 33 0.31 -10.16 19.98
C LEU D 33 0.62 -9.97 18.50
N ILE D 34 -0.29 -9.33 17.78
CA ILE D 34 -0.05 -8.97 16.39
C ILE D 34 0.29 -7.49 16.28
N ALA D 35 1.56 -7.19 16.02
CA ALA D 35 2.01 -5.82 15.90
C ALA D 35 1.84 -5.31 14.49
N VAL D 36 1.18 -4.17 14.35
CA VAL D 36 1.00 -3.54 13.05
C VAL D 36 2.24 -2.74 12.69
N LEU D 37 2.96 -3.19 11.67
CA LEU D 37 4.17 -2.50 11.20
C LEU D 37 3.81 -1.21 10.49
N THR D 38 4.42 -0.10 10.87
CA THR D 38 5.45 -0.09 11.91
C THR D 38 5.01 0.74 13.11
N GLY D 39 3.81 1.28 13.05
CA GLY D 39 3.30 2.16 14.10
C GLY D 39 3.06 1.44 15.42
N GLY D 40 2.69 0.17 15.34
CA GLY D 40 2.37 -0.61 16.52
C GLY D 40 3.56 -1.33 17.13
N ILE D 41 4.75 -1.11 16.56
CA ILE D 41 5.98 -1.74 17.03
C ILE D 41 6.22 -1.52 18.51
N ILE D 42 6.43 -0.25 18.88
CA ILE D 42 6.77 0.11 20.25
C ILE D 42 5.62 -0.13 21.25
N PRO D 43 4.36 0.17 20.87
CA PRO D 43 3.30 -0.18 21.81
C PRO D 43 3.20 -1.68 22.10
N ALA D 44 3.35 -2.51 21.07
CA ALA D 44 3.26 -3.96 21.25
C ALA D 44 4.38 -4.48 22.14
N LYS D 45 5.60 -4.01 21.88
CA LYS D 45 6.76 -4.42 22.66
C LYS D 45 6.62 -4.03 24.14
N LEU D 46 6.23 -2.78 24.39
CA LEU D 46 6.05 -2.30 25.75
C LEU D 46 4.93 -3.05 26.46
N LEU D 47 3.86 -3.36 25.74
CA LEU D 47 2.76 -4.13 26.30
C LEU D 47 3.19 -5.57 26.54
N SER D 48 4.01 -6.09 25.64
CA SER D 48 4.55 -7.44 25.77
C SER D 48 5.33 -7.59 27.06
N ASP D 49 6.20 -6.63 27.34
CA ASP D 49 7.01 -6.64 28.54
C ASP D 49 6.16 -6.47 29.79
N LEU D 50 5.14 -5.61 29.69
CA LEU D 50 4.27 -5.29 30.82
C LEU D 50 3.48 -6.51 31.30
N LEU D 51 2.93 -7.27 30.36
CA LEU D 51 2.09 -8.41 30.69
C LEU D 51 2.83 -9.74 30.54
N ASP D 52 4.14 -9.65 30.33
CA ASP D 52 5.00 -10.83 30.12
C ASP D 52 4.49 -11.69 28.97
N LEU D 53 4.11 -11.05 27.87
CA LEU D 53 3.71 -11.76 26.67
C LEU D 53 4.92 -11.92 25.75
N LYS D 54 5.40 -13.15 25.60
CA LYS D 54 6.64 -13.39 24.89
C LYS D 54 6.43 -13.96 23.48
N VAL D 55 5.18 -13.94 23.01
CA VAL D 55 4.89 -14.34 21.64
C VAL D 55 4.35 -13.16 20.84
N ILE D 56 5.22 -12.55 20.04
CA ILE D 56 4.82 -11.42 19.21
C ILE D 56 4.96 -11.76 17.73
N ARG D 57 3.88 -11.55 16.98
CA ARG D 57 3.93 -11.72 15.54
C ARG D 57 3.62 -10.39 14.87
N TYR D 58 3.84 -10.31 13.57
CA TYR D 58 3.78 -9.02 12.87
C TYR D 58 3.07 -9.12 11.53
N ILE D 59 2.50 -8.01 11.09
CA ILE D 59 1.91 -7.91 9.76
C ILE D 59 2.31 -6.60 9.09
N ASP D 60 2.86 -6.69 7.89
CA ASP D 60 3.25 -5.52 7.13
C ASP D 60 2.05 -5.00 6.34
N ILE D 61 1.42 -3.95 6.87
CA ILE D 61 0.24 -3.37 6.22
C ILE D 61 0.32 -1.84 6.24
N LYS D 62 -0.03 -1.23 5.12
CA LYS D 62 0.02 0.23 4.99
C LYS D 62 -1.22 0.77 4.31
N PHE D 63 -1.67 1.94 4.74
CA PHE D 63 -2.83 2.59 4.15
C PHE D 63 -2.48 3.96 3.59
N TYR D 64 -2.33 4.04 2.27
CA TYR D 64 -2.07 5.31 1.61
C TYR D 64 -3.39 6.06 1.42
N ARG D 65 -3.45 7.29 1.92
CA ARG D 65 -4.71 8.03 1.93
C ARG D 65 -4.73 9.17 0.90
N SER D 66 -3.68 9.27 0.11
CA SER D 66 -3.63 10.26 -0.96
C SER D 66 -4.54 9.82 -2.12
N VAL D 67 -5.18 10.78 -2.76
CA VAL D 67 -6.09 10.50 -3.86
C VAL D 67 -5.36 9.96 -5.08
N GLY D 68 -5.82 8.80 -5.59
CA GLY D 68 -5.25 8.22 -6.79
C GLY D 68 -4.77 6.80 -6.64
N LYS D 69 -4.35 6.44 -5.43
CA LYS D 69 -3.81 5.11 -5.18
C LYS D 69 -4.92 4.11 -4.88
N THR D 70 -5.72 3.83 -5.91
CA THR D 70 -6.90 2.96 -5.82
C THR D 70 -6.57 1.58 -5.24
N GLU D 71 -7.46 1.08 -4.38
CA GLU D 71 -8.66 1.79 -3.93
C GLU D 71 -8.41 2.48 -2.59
N SER D 72 -9.50 2.83 -1.91
CA SER D 72 -9.42 3.40 -0.57
C SER D 72 -9.34 2.30 0.48
N LYS D 73 -8.38 1.41 0.31
CA LYS D 73 -8.20 0.27 1.21
C LYS D 73 -6.73 0.11 1.58
N PRO D 74 -6.47 -0.32 2.82
CA PRO D 74 -5.09 -0.59 3.26
C PRO D 74 -4.49 -1.78 2.51
N VAL D 75 -3.19 -1.74 2.27
CA VAL D 75 -2.53 -2.77 1.47
C VAL D 75 -1.63 -3.66 2.33
N ILE D 76 -1.83 -4.98 2.24
CA ILE D 76 -0.97 -5.93 2.91
C ILE D 76 0.21 -6.28 2.02
N ARG D 77 1.42 -6.27 2.60
CA ARG D 77 2.62 -6.60 1.85
C ARG D 77 3.18 -7.95 2.28
N SER D 78 3.03 -8.27 3.57
CA SER D 78 3.51 -9.53 4.12
C SER D 78 2.91 -9.81 5.49
N VAL D 79 2.57 -11.07 5.74
CA VAL D 79 2.04 -11.49 7.03
C VAL D 79 3.02 -12.42 7.73
N TYR D 80 3.66 -11.91 8.79
CA TYR D 80 4.67 -12.67 9.51
C TYR D 80 4.10 -13.37 10.74
N THR D 81 3.49 -14.53 10.54
CA THR D 81 2.96 -15.31 11.66
C THR D 81 2.82 -16.79 11.33
N ASP D 82 3.00 -17.61 12.35
CA ASP D 82 2.72 -19.04 12.25
C ASP D 82 1.23 -19.27 12.52
N SER D 83 0.87 -20.52 12.77
CA SER D 83 -0.53 -20.87 13.02
C SER D 83 -1.09 -20.14 14.24
N LEU D 84 -2.28 -19.57 14.09
CA LEU D 84 -2.93 -18.84 15.17
C LEU D 84 -4.22 -19.53 15.61
N GLU D 85 -4.42 -20.75 15.14
CA GLU D 85 -5.68 -21.46 15.36
C GLU D 85 -5.94 -21.74 16.84
N GLY D 86 -7.13 -21.36 17.30
CA GLY D 86 -7.56 -21.62 18.66
C GLY D 86 -6.85 -20.79 19.71
N LYS D 87 -6.43 -19.58 19.33
CA LYS D 87 -5.71 -18.70 20.25
C LYS D 87 -6.39 -17.34 20.37
N LYS D 88 -6.28 -16.74 21.56
CA LYS D 88 -6.81 -15.40 21.77
C LYS D 88 -5.79 -14.36 21.31
N VAL D 89 -6.18 -13.60 20.29
CA VAL D 89 -5.24 -12.69 19.61
C VAL D 89 -5.59 -11.22 19.85
N LEU D 90 -4.56 -10.42 20.11
CA LEU D 90 -4.73 -8.98 20.25
C LEU D 90 -3.89 -8.23 19.22
N VAL D 91 -4.56 -7.40 18.41
CA VAL D 91 -3.87 -6.59 17.40
C VAL D 91 -3.52 -5.23 17.99
N VAL D 92 -2.28 -4.79 17.76
CA VAL D 92 -1.80 -3.55 18.36
C VAL D 92 -1.32 -2.53 17.33
N ASP D 93 -1.92 -1.35 17.37
CA ASP D 93 -1.46 -0.22 16.56
C ASP D 93 -1.34 1.02 17.45
N ASP D 94 -0.74 2.08 16.94
CA ASP D 94 -0.52 3.27 17.76
C ASP D 94 -1.71 4.24 17.72
N VAL D 95 -2.31 4.40 16.55
CA VAL D 95 -3.43 5.32 16.40
C VAL D 95 -4.47 4.78 15.43
N ALA D 96 -5.74 5.04 15.73
CA ALA D 96 -6.84 4.64 14.84
C ALA D 96 -7.54 5.87 14.28
N ASP D 97 -7.14 6.28 13.08
CA ASP D 97 -7.70 7.47 12.45
C ASP D 97 -8.99 7.13 11.72
N THR D 98 -8.89 6.27 10.72
CA THR D 98 -10.05 5.84 9.95
C THR D 98 -10.63 4.55 10.52
N GLY D 99 -9.76 3.73 11.10
CA GLY D 99 -10.16 2.43 11.62
C GLY D 99 -10.08 1.36 10.55
N GLU D 100 -9.53 1.74 9.40
CA GLU D 100 -9.43 0.85 8.25
C GLU D 100 -8.37 -0.23 8.44
N THR D 101 -7.20 0.17 8.93
CA THR D 101 -6.08 -0.74 9.10
C THR D 101 -6.40 -1.88 10.07
N LEU D 102 -6.96 -1.51 11.22
CA LEU D 102 -7.36 -2.50 12.22
C LEU D 102 -8.47 -3.39 11.67
N GLU D 103 -9.37 -2.79 10.90
CA GLU D 103 -10.48 -3.52 10.30
C GLU D 103 -9.99 -4.61 9.35
N ALA D 104 -9.01 -4.26 8.52
CA ALA D 104 -8.47 -5.21 7.54
C ALA D 104 -7.64 -6.29 8.20
N VAL D 105 -6.83 -5.91 9.18
CA VAL D 105 -6.00 -6.86 9.90
C VAL D 105 -6.87 -7.87 10.66
N SER D 106 -7.96 -7.38 11.24
CA SER D 106 -8.87 -8.25 11.97
C SER D 106 -9.54 -9.26 11.03
N ASN D 107 -9.79 -8.83 9.80
CA ASN D 107 -10.42 -9.69 8.79
C ASN D 107 -9.55 -10.86 8.39
N VAL D 108 -8.29 -10.59 8.05
CA VAL D 108 -7.38 -11.62 7.58
C VAL D 108 -6.99 -12.57 8.72
N ILE D 109 -6.82 -12.03 9.92
CA ILE D 109 -6.47 -12.84 11.08
C ILE D 109 -7.61 -13.79 11.43
N THR D 110 -8.83 -13.35 11.21
CA THR D 110 -10.01 -14.19 11.43
C THR D 110 -9.94 -15.46 10.57
N MET D 111 -9.38 -15.33 9.38
CA MET D 111 -9.26 -16.46 8.45
C MET D 111 -8.27 -17.51 8.97
N PHE D 112 -7.48 -17.15 9.98
CA PHE D 112 -6.59 -18.10 10.62
C PHE D 112 -7.33 -18.94 11.66
N ASN D 113 -8.63 -18.68 11.77
CA ASN D 113 -9.50 -19.34 12.75
C ASN D 113 -8.92 -19.38 14.17
N PRO D 114 -8.68 -18.20 14.76
CA PRO D 114 -8.24 -18.21 16.16
C PRO D 114 -9.43 -18.25 17.11
N ALA D 115 -9.17 -18.42 18.40
CA ALA D 115 -10.24 -18.45 19.39
C ALA D 115 -11.00 -17.13 19.38
N LYS D 116 -10.26 -16.02 19.36
CA LYS D 116 -10.86 -14.69 19.36
C LYS D 116 -9.85 -13.63 18.91
N VAL D 117 -10.34 -12.63 18.19
CA VAL D 117 -9.50 -11.50 17.79
C VAL D 117 -10.04 -10.20 18.33
N MET D 118 -9.24 -9.53 19.16
CA MET D 118 -9.59 -8.19 19.64
C MET D 118 -8.49 -7.22 19.23
N THR D 119 -8.84 -5.94 19.12
CA THR D 119 -7.88 -4.94 18.67
C THR D 119 -7.63 -3.88 19.74
N ALA D 120 -6.50 -3.20 19.60
CA ALA D 120 -6.11 -2.16 20.55
C ALA D 120 -5.27 -1.09 19.88
N ALA D 121 -5.52 0.16 20.25
CA ALA D 121 -4.74 1.29 19.77
C ALA D 121 -4.55 2.28 20.92
N LEU D 122 -3.45 3.01 20.91
CA LEU D 122 -3.22 4.01 21.95
C LEU D 122 -4.22 5.13 21.85
N TYR D 123 -4.36 5.71 20.65
CA TYR D 123 -5.22 6.86 20.47
C TYR D 123 -6.32 6.63 19.44
N LEU D 124 -7.42 7.36 19.59
CA LEU D 124 -8.58 7.20 18.73
C LEU D 124 -9.12 8.55 18.28
N LYS D 125 -9.32 8.70 16.97
CA LYS D 125 -9.95 9.90 16.42
C LYS D 125 -11.46 9.77 16.52
N PRO D 126 -12.14 10.87 16.85
CA PRO D 126 -13.60 10.87 17.07
C PRO D 126 -14.40 10.40 15.86
N TRP D 127 -13.81 10.51 14.68
CA TRP D 127 -14.50 10.21 13.43
C TRP D 127 -14.17 8.81 12.89
N SER D 128 -13.39 8.05 13.64
CA SER D 128 -13.01 6.71 13.23
C SER D 128 -14.23 5.81 13.13
N LYS D 129 -14.48 5.26 11.95
CA LYS D 129 -15.68 4.48 11.69
C LYS D 129 -15.69 3.17 12.48
N ARG D 130 -14.53 2.58 12.66
CA ARG D 130 -14.41 1.34 13.43
C ARG D 130 -13.63 1.58 14.72
N ILE D 131 -14.28 1.31 15.86
CA ILE D 131 -13.69 1.57 17.16
C ILE D 131 -12.96 0.36 17.72
N PRO D 132 -11.69 0.54 18.13
CA PRO D 132 -10.92 -0.53 18.77
C PRO D 132 -11.56 -0.98 20.08
N ASP D 133 -11.34 -2.24 20.44
CA ASP D 133 -11.89 -2.80 21.67
C ASP D 133 -11.25 -2.15 22.89
N PHE D 134 -9.96 -1.86 22.77
CA PHE D 134 -9.20 -1.23 23.86
C PHE D 134 -8.47 0.01 23.35
N TYR D 135 -8.54 1.10 24.11
CA TYR D 135 -7.76 2.29 23.79
C TYR D 135 -7.53 3.16 25.01
N TYR D 136 -6.55 4.06 24.91
CA TYR D 136 -6.17 4.92 26.02
C TYR D 136 -6.98 6.20 26.07
N LYS D 137 -6.80 7.06 25.06
CA LYS D 137 -7.53 8.33 25.01
C LYS D 137 -7.98 8.70 23.61
N GLN D 138 -9.06 9.47 23.55
CA GLN D 138 -9.58 9.99 22.29
C GLN D 138 -9.05 11.40 22.04
N ILE D 139 -8.39 11.59 20.91
CA ILE D 139 -7.83 12.89 20.55
C ILE D 139 -8.39 13.34 19.21
N ASP D 140 -8.58 14.65 19.04
CA ASP D 140 -9.06 15.20 17.77
C ASP D 140 -7.99 16.06 17.10
N LYS D 141 -6.79 16.07 17.66
CA LYS D 141 -5.69 16.84 17.11
C LYS D 141 -4.69 15.96 16.37
N TRP D 142 -3.84 16.59 15.56
CA TRP D 142 -2.77 15.87 14.89
C TRP D 142 -1.78 15.34 15.94
N ILE D 143 -1.55 14.03 15.91
CA ILE D 143 -0.71 13.39 16.92
C ILE D 143 0.71 13.13 16.40
N ILE D 144 1.69 13.70 17.09
CA ILE D 144 3.09 13.45 16.76
C ILE D 144 3.71 12.49 17.76
N PHE D 145 3.83 11.23 17.36
CA PHE D 145 4.44 10.21 18.21
C PHE D 145 5.95 10.42 18.29
N PRO D 146 6.57 9.93 19.38
CA PRO D 146 8.03 10.02 19.51
C PRO D 146 8.78 9.23 18.44
N TRP D 147 8.10 8.29 17.78
CA TRP D 147 8.76 7.44 16.79
C TRP D 147 8.41 7.79 15.35
N ASP D 148 7.85 8.98 15.13
CA ASP D 148 7.62 9.46 13.77
C ASP D 148 7.69 10.99 13.72
N LYS D 149 8.26 11.58 14.76
CA LYS D 149 8.36 13.03 14.87
C LYS D 149 9.20 13.64 13.75
N TRP D 150 10.26 12.93 13.35
CA TRP D 150 11.16 13.44 12.33
C TRP D 150 10.56 13.27 10.94
N ASP D 151 9.56 12.39 10.84
CA ASP D 151 8.82 12.23 9.59
C ASP D 151 7.86 13.41 9.42
N VAL D 152 7.42 13.96 10.55
CA VAL D 152 6.54 15.12 10.54
C VAL D 152 7.35 16.40 10.30
N VAL D 153 8.56 16.44 10.84
CA VAL D 153 9.47 17.56 10.61
C VAL D 153 9.83 17.65 9.14
N ARG D 154 10.01 16.49 8.51
CA ARG D 154 10.35 16.44 7.09
C ARG D 154 9.24 16.98 6.20
N GLU D 155 8.00 16.88 6.68
CA GLU D 155 6.86 17.40 5.93
C GLU D 155 6.56 18.83 6.36
N ASN D 156 6.63 19.09 7.66
CA ASN D 156 6.44 20.43 8.19
C ASN D 156 7.53 20.76 9.22
N SER D 157 8.50 21.58 8.81
CA SER D 157 9.63 21.92 9.65
C SER D 157 9.27 22.92 10.74
N ASN D 158 8.01 23.34 10.77
CA ASN D 158 7.57 24.34 11.75
C ASN D 158 6.86 23.71 12.95
N VAL D 159 6.99 22.40 13.11
CA VAL D 159 6.40 21.71 14.24
C VAL D 159 7.26 21.89 15.50
N PRO D 160 6.60 22.09 16.66
CA PRO D 160 7.29 22.37 17.92
C PRO D 160 7.78 21.11 18.65
N VAL D 161 8.82 20.46 18.12
CA VAL D 161 9.38 19.28 18.77
C VAL D 161 10.80 19.54 19.25
N ASP D 162 11.22 18.82 20.28
CA ASP D 162 12.53 19.00 20.88
C ASP D 162 13.64 18.45 20.00
N LYS D 163 14.86 18.93 20.21
CA LYS D 163 16.05 18.48 19.48
C LYS D 163 15.91 18.63 17.96
N LYS D 164 15.07 19.57 17.54
CA LYS D 164 14.83 19.78 16.12
C LYS D 164 16.07 20.31 15.41
N GLU D 165 16.90 21.05 16.15
CA GLU D 165 18.11 21.62 15.58
C GLU D 165 19.16 20.55 15.27
N ARG D 166 19.30 19.58 16.18
CA ARG D 166 20.26 18.50 16.00
C ARG D 166 19.91 17.62 14.81
N PHE D 167 18.61 17.48 14.54
CA PHE D 167 18.14 16.66 13.43
C PHE D 167 18.40 17.33 12.08
N LEU D 168 17.98 18.59 11.96
CA LEU D 168 18.11 19.33 10.71
C LEU D 168 19.57 19.44 10.28
N ASN D 169 20.46 19.53 11.25
CA ASN D 169 21.90 19.49 10.97
C ASN D 169 22.25 18.14 10.36
N LEU D 170 21.86 17.07 11.04
CA LEU D 170 22.06 15.70 10.54
C LEU D 170 21.34 15.49 9.22
N TYR D 171 20.17 16.13 9.09
CA TYR D 171 19.34 15.99 7.89
C TYR D 171 20.01 16.58 6.67
N ASN D 172 20.41 17.85 6.78
CA ASN D 172 21.16 18.49 5.71
C ASN D 172 22.46 17.74 5.39
N GLN D 173 23.06 17.07 6.37
CA GLN D 173 24.20 16.19 6.08
C GLN D 173 23.73 14.95 5.29
N LEU D 174 22.52 14.48 5.58
CA LEU D 174 22.01 13.24 4.99
C LEU D 174 21.78 13.36 3.49
N LEU D 175 21.51 14.58 3.02
CA LEU D 175 21.15 14.82 1.62
C LEU D 175 22.26 15.43 0.76
N LYS D 176 23.47 15.61 1.31
CA LYS D 176 24.56 15.99 0.43
C LYS D 176 25.17 14.69 -0.09
N ILE D 177 24.55 13.59 0.30
CA ILE D 177 24.96 12.28 -0.17
C ILE D 177 24.05 11.86 -1.33
N ARG D 178 22.92 11.24 -1.01
CA ARG D 178 21.97 10.80 -2.03
C ARG D 178 20.56 11.23 -1.69
N GLU E 3 25.48 -36.41 -23.74
CA GLU E 3 24.41 -37.40 -23.59
C GLU E 3 23.44 -36.98 -22.50
N TYR E 4 22.17 -37.35 -22.66
CA TYR E 4 21.13 -36.94 -21.72
C TYR E 4 20.48 -38.11 -20.99
N HIS E 5 20.21 -37.90 -19.70
CA HIS E 5 19.36 -38.82 -18.95
C HIS E 5 18.01 -38.19 -18.73
N ILE E 6 16.97 -38.81 -19.31
CA ILE E 6 15.62 -38.27 -19.21
C ILE E 6 14.72 -39.23 -18.43
N PRO E 7 14.63 -39.03 -17.10
CA PRO E 7 13.83 -39.89 -16.23
C PRO E 7 12.34 -39.80 -16.52
N SER E 8 11.68 -40.95 -16.59
CA SER E 8 10.23 -40.99 -16.71
C SER E 8 9.62 -40.69 -15.34
N TRP E 9 8.31 -40.45 -15.31
CA TRP E 9 7.61 -40.26 -14.04
C TRP E 9 7.68 -41.54 -13.22
N ASP E 10 7.69 -42.68 -13.91
CA ASP E 10 7.77 -43.98 -13.26
C ASP E 10 9.10 -44.17 -12.54
N GLU E 11 10.17 -43.65 -13.12
CA GLU E 11 11.48 -43.73 -12.51
C GLU E 11 11.58 -42.78 -11.33
N ILE E 12 10.92 -41.63 -11.45
CA ILE E 12 10.87 -40.66 -10.37
C ILE E 12 10.21 -41.26 -9.13
N GLU E 13 9.11 -41.97 -9.34
CA GLU E 13 8.39 -42.63 -8.26
C GLU E 13 9.26 -43.68 -7.57
N ASP E 14 10.08 -44.37 -8.37
CA ASP E 14 10.97 -45.39 -7.83
C ASP E 14 12.17 -44.75 -7.13
N ALA E 15 12.51 -43.53 -7.54
CA ALA E 15 13.60 -42.80 -6.91
C ALA E 15 13.22 -42.40 -5.49
N VAL E 16 11.96 -41.98 -5.34
CA VAL E 16 11.44 -41.59 -4.03
C VAL E 16 11.32 -42.82 -3.13
N PHE E 17 10.91 -43.95 -3.71
CA PHE E 17 10.80 -45.21 -2.98
C PHE E 17 12.13 -45.61 -2.35
N SER E 18 13.20 -45.52 -3.15
CA SER E 18 14.52 -45.92 -2.69
C SER E 18 15.01 -45.10 -1.51
N ILE E 19 14.70 -43.80 -1.54
CA ILE E 19 15.10 -42.90 -0.45
C ILE E 19 14.22 -43.13 0.77
N GLY E 20 12.93 -43.34 0.54
CA GLY E 20 12.00 -43.63 1.62
C GLY E 20 12.37 -44.91 2.34
N GLU E 21 12.70 -45.94 1.57
CA GLU E 21 13.11 -47.23 2.13
C GLU E 21 14.46 -47.10 2.84
N ALA E 22 15.28 -46.16 2.39
CA ALA E 22 16.58 -45.91 3.01
C ALA E 22 16.42 -45.19 4.33
N LEU E 23 15.48 -44.25 4.38
CA LEU E 23 15.19 -43.52 5.60
C LEU E 23 14.72 -44.46 6.71
N VAL E 24 13.83 -45.39 6.34
CA VAL E 24 13.31 -46.38 7.27
C VAL E 24 14.44 -47.30 7.75
N LYS E 25 15.32 -47.68 6.84
CA LYS E 25 16.42 -48.58 7.16
C LYS E 25 17.46 -47.88 8.04
N SER E 26 17.55 -46.56 7.93
CA SER E 26 18.48 -45.78 8.75
C SER E 26 17.83 -45.36 10.06
N ASN E 27 16.57 -45.75 10.23
CA ASN E 27 15.77 -45.37 11.40
C ASN E 27 15.69 -43.85 11.56
N TYR E 28 15.71 -43.14 10.44
CA TYR E 28 15.60 -41.69 10.46
C TYR E 28 14.29 -41.23 9.85
N ILE E 29 13.27 -41.08 10.70
CA ILE E 29 11.98 -40.57 10.26
C ILE E 29 11.85 -39.09 10.60
N PRO E 30 11.96 -38.23 9.58
CA PRO E 30 11.96 -36.78 9.76
C PRO E 30 10.66 -36.24 10.35
N ASP E 31 10.78 -35.29 11.26
CA ASP E 31 9.60 -34.60 11.79
C ASP E 31 9.16 -33.52 10.82
N VAL E 32 10.13 -32.96 10.09
CA VAL E 32 9.88 -31.86 9.16
C VAL E 32 10.67 -32.03 7.87
N LEU E 33 9.98 -31.97 6.73
CA LEU E 33 10.64 -31.93 5.43
C LEU E 33 10.85 -30.50 4.97
N ILE E 34 12.05 -30.20 4.48
CA ILE E 34 12.34 -28.89 3.92
C ILE E 34 12.66 -29.00 2.43
N ALA E 35 11.79 -28.44 1.61
CA ALA E 35 11.95 -28.51 0.16
C ALA E 35 12.84 -27.38 -0.34
N VAL E 36 13.82 -27.72 -1.18
CA VAL E 36 14.63 -26.72 -1.85
C VAL E 36 13.88 -26.21 -3.07
N LEU E 37 13.37 -24.98 -2.98
CA LEU E 37 12.62 -24.38 -4.07
C LEU E 37 13.55 -24.05 -5.23
N THR E 38 13.17 -24.48 -6.44
CA THR E 38 11.91 -25.18 -6.66
C THR E 38 12.14 -26.59 -7.22
N GLY E 39 13.39 -27.03 -7.23
CA GLY E 39 13.74 -28.33 -7.77
C GLY E 39 13.32 -29.47 -6.87
N GLY E 40 13.15 -29.17 -5.57
CA GLY E 40 12.81 -30.20 -4.61
C GLY E 40 11.31 -30.27 -4.30
N ILE E 41 10.53 -29.44 -4.97
CA ILE E 41 9.09 -29.37 -4.77
C ILE E 41 8.41 -30.74 -4.95
N ILE E 42 8.60 -31.34 -6.12
CA ILE E 42 8.00 -32.65 -6.41
C ILE E 42 8.55 -33.76 -5.51
N PRO E 43 9.90 -33.88 -5.37
CA PRO E 43 10.39 -34.97 -4.51
C PRO E 43 9.92 -34.87 -3.06
N ALA E 44 9.89 -33.66 -2.50
CA ALA E 44 9.44 -33.47 -1.14
C ALA E 44 7.98 -33.87 -0.98
N LYS E 45 7.14 -33.40 -1.90
CA LYS E 45 5.72 -33.70 -1.89
C LYS E 45 5.46 -35.20 -1.99
N LEU E 46 6.17 -35.86 -2.90
CA LEU E 46 6.00 -37.29 -3.11
C LEU E 46 6.52 -38.10 -1.93
N LEU E 47 7.64 -37.67 -1.36
CA LEU E 47 8.20 -38.32 -0.18
C LEU E 47 7.29 -38.11 1.03
N SER E 48 6.66 -36.94 1.08
CA SER E 48 5.73 -36.61 2.16
C SER E 48 4.54 -37.56 2.17
N ASP E 49 3.97 -37.81 1.00
CA ASP E 49 2.82 -38.70 0.88
C ASP E 49 3.21 -40.15 1.10
N LEU E 50 4.45 -40.49 0.75
CA LEU E 50 4.93 -41.86 0.90
C LEU E 50 5.04 -42.26 2.37
N LEU E 51 5.73 -41.44 3.15
CA LEU E 51 5.99 -41.75 4.56
C LEU E 51 5.03 -41.03 5.50
N ASP E 52 3.96 -40.46 4.94
CA ASP E 52 2.95 -39.74 5.71
C ASP E 52 3.56 -38.63 6.56
N LEU E 53 4.45 -37.84 5.95
CA LEU E 53 5.07 -36.71 6.64
C LEU E 53 4.25 -35.45 6.43
N LYS E 54 3.57 -35.01 7.49
CA LYS E 54 2.55 -33.96 7.39
C LYS E 54 3.11 -32.54 7.39
N VAL E 55 4.31 -32.35 7.92
CA VAL E 55 4.87 -31.01 8.04
C VAL E 55 5.95 -30.73 6.99
N ILE E 56 5.60 -29.86 6.03
CA ILE E 56 6.53 -29.49 4.97
C ILE E 56 6.86 -28.01 5.02
N ARG E 57 8.15 -27.68 5.03
CA ARG E 57 8.60 -26.30 4.99
C ARG E 57 9.48 -26.07 3.76
N TYR E 58 9.81 -24.80 3.49
CA TYR E 58 10.45 -24.45 2.22
C TYR E 58 11.53 -23.40 2.36
N ILE E 59 12.56 -23.49 1.52
CA ILE E 59 13.58 -22.46 1.43
C ILE E 59 13.79 -22.06 -0.03
N ASP E 60 13.74 -20.75 -0.28
CA ASP E 60 13.93 -20.23 -1.64
C ASP E 60 15.39 -19.88 -1.86
N ILE E 61 16.10 -20.72 -2.59
CA ILE E 61 17.54 -20.54 -2.80
C ILE E 61 17.93 -20.90 -4.24
N LYS E 62 18.77 -20.06 -4.84
CA LYS E 62 19.19 -20.24 -6.23
C LYS E 62 20.71 -20.25 -6.36
N PHE E 63 21.21 -21.04 -7.31
CA PHE E 63 22.63 -21.09 -7.60
C PHE E 63 22.88 -20.80 -9.08
N TYR E 64 23.14 -19.54 -9.40
CA TYR E 64 23.45 -19.14 -10.77
C TYR E 64 24.92 -19.38 -11.08
N ARG E 65 25.19 -20.37 -11.92
CA ARG E 65 26.56 -20.79 -12.20
C ARG E 65 27.12 -20.12 -13.45
N SER E 66 26.43 -19.10 -13.96
CA SER E 66 26.91 -18.34 -15.10
C SER E 66 28.13 -17.52 -14.73
N VAL E 67 29.13 -17.52 -15.61
CA VAL E 67 30.40 -16.85 -15.34
C VAL E 67 30.23 -15.36 -15.09
N GLY E 68 30.89 -14.86 -14.06
CA GLY E 68 30.82 -13.45 -13.70
C GLY E 68 30.81 -13.31 -12.19
N LYS E 69 30.75 -12.09 -11.70
CA LYS E 69 30.60 -11.87 -10.27
C LYS E 69 29.25 -12.40 -9.84
N THR E 70 28.19 -11.77 -10.37
CA THR E 70 26.80 -12.19 -10.19
C THR E 70 26.55 -12.96 -8.89
N GLU E 71 26.77 -14.27 -8.95
CA GLU E 71 26.62 -15.15 -7.80
C GLU E 71 27.59 -16.33 -7.89
N SER E 72 28.69 -16.25 -7.13
CA SER E 72 29.68 -17.33 -7.13
C SER E 72 29.32 -18.40 -6.10
N LYS E 73 28.28 -18.12 -5.32
CA LYS E 73 27.77 -19.05 -4.32
C LYS E 73 26.25 -19.04 -4.38
N PRO E 74 25.61 -20.09 -3.86
CA PRO E 74 24.13 -20.10 -3.85
C PRO E 74 23.57 -18.94 -3.04
N VAL E 75 22.41 -18.42 -3.44
CA VAL E 75 21.83 -17.26 -2.80
C VAL E 75 20.44 -17.52 -2.23
N ILE E 76 20.29 -17.26 -0.94
CA ILE E 76 19.00 -17.40 -0.28
C ILE E 76 18.14 -16.17 -0.52
N ARG E 77 16.89 -16.38 -0.95
CA ARG E 77 15.97 -15.28 -1.17
C ARG E 77 15.04 -15.12 0.03
N SER E 78 14.52 -16.24 0.52
CA SER E 78 13.60 -16.24 1.64
C SER E 78 13.53 -17.61 2.32
N VAL E 79 13.37 -17.61 3.64
CA VAL E 79 13.26 -18.84 4.40
C VAL E 79 11.85 -19.00 4.98
N TYR E 80 11.12 -19.98 4.47
CA TYR E 80 9.74 -20.21 4.88
C TYR E 80 9.63 -21.33 5.92
N THR E 81 9.95 -21.02 7.17
CA THR E 81 9.80 -22.00 8.24
C THR E 81 9.65 -21.34 9.62
N ASP E 82 8.93 -22.02 10.49
CA ASP E 82 8.82 -21.60 11.88
C ASP E 82 9.93 -22.28 12.68
N SER E 83 9.70 -22.45 13.99
CA SER E 83 10.69 -23.06 14.86
C SER E 83 10.99 -24.51 14.47
N LEU E 84 12.27 -24.80 14.25
CA LEU E 84 12.71 -26.15 13.95
C LEU E 84 13.55 -26.71 15.08
N GLU E 85 13.58 -25.99 16.19
CA GLU E 85 14.43 -26.34 17.32
C GLU E 85 14.05 -27.68 17.95
N GLY E 86 15.03 -28.58 18.01
CA GLY E 86 14.85 -29.87 18.66
C GLY E 86 14.22 -30.94 17.80
N LYS E 87 13.99 -30.62 16.53
CA LYS E 87 13.32 -31.55 15.62
C LYS E 87 14.30 -32.19 14.62
N LYS E 88 13.90 -33.32 14.06
CA LYS E 88 14.68 -33.99 13.04
C LYS E 88 14.27 -33.51 11.65
N VAL E 89 15.23 -32.98 10.90
CA VAL E 89 14.95 -32.32 9.64
C VAL E 89 15.60 -33.02 8.45
N LEU E 90 14.85 -33.15 7.36
CA LEU E 90 15.40 -33.64 6.10
C LEU E 90 15.23 -32.60 4.99
N VAL E 91 16.35 -32.22 4.37
CA VAL E 91 16.31 -31.29 3.25
C VAL E 91 16.26 -32.06 1.94
N VAL E 92 15.37 -31.65 1.05
CA VAL E 92 15.15 -32.38 -0.20
C VAL E 92 15.36 -31.52 -1.44
N ASP E 93 16.20 -32.02 -2.35
CA ASP E 93 16.38 -31.39 -3.66
C ASP E 93 16.30 -32.49 -4.72
N ASP E 94 16.36 -32.12 -5.99
CA ASP E 94 16.24 -33.12 -7.06
C ASP E 94 17.60 -33.65 -7.50
N VAL E 95 18.58 -32.75 -7.67
CA VAL E 95 19.89 -33.17 -8.11
C VAL E 95 21.01 -32.39 -7.40
N ALA E 96 22.06 -33.12 -7.00
CA ALA E 96 23.23 -32.49 -6.42
C ALA E 96 24.37 -32.48 -7.44
N ASP E 97 24.51 -31.38 -8.17
CA ASP E 97 25.54 -31.27 -9.19
C ASP E 97 26.87 -30.86 -8.56
N THR E 98 26.86 -29.74 -7.85
CA THR E 98 28.04 -29.29 -7.12
C THR E 98 27.90 -29.65 -5.65
N GLY E 99 26.66 -29.70 -5.18
CA GLY E 99 26.38 -30.05 -3.80
C GLY E 99 26.40 -28.84 -2.88
N GLU E 100 26.70 -27.68 -3.44
CA GLU E 100 26.81 -26.45 -2.67
C GLU E 100 25.46 -25.93 -2.18
N THR E 101 24.41 -26.26 -2.91
CA THR E 101 23.06 -25.84 -2.54
C THR E 101 22.62 -26.49 -1.24
N LEU E 102 22.75 -27.82 -1.18
CA LEU E 102 22.44 -28.56 0.03
C LEU E 102 23.35 -28.13 1.18
N GLU E 103 24.59 -27.83 0.84
CA GLU E 103 25.56 -27.38 1.83
C GLU E 103 25.13 -26.08 2.48
N ALA E 104 24.71 -25.13 1.65
CA ALA E 104 24.26 -23.82 2.14
C ALA E 104 23.02 -23.94 3.01
N VAL E 105 22.05 -24.71 2.52
CA VAL E 105 20.80 -24.92 3.25
C VAL E 105 21.05 -25.63 4.58
N SER E 106 21.95 -26.62 4.56
CA SER E 106 22.30 -27.33 5.78
C SER E 106 22.91 -26.40 6.82
N ASN E 107 23.70 -25.43 6.35
CA ASN E 107 24.36 -24.49 7.23
C ASN E 107 23.39 -23.57 7.96
N VAL E 108 22.37 -23.09 7.27
CA VAL E 108 21.42 -22.14 7.86
C VAL E 108 20.39 -22.86 8.73
N ILE E 109 20.02 -24.08 8.35
CA ILE E 109 19.05 -24.86 9.12
C ILE E 109 19.65 -25.27 10.47
N THR E 110 20.97 -25.52 10.47
CA THR E 110 21.69 -25.82 11.70
C THR E 110 21.50 -24.70 12.73
N MET E 111 21.46 -23.47 12.25
CA MET E 111 21.32 -22.30 13.11
C MET E 111 19.94 -22.24 13.79
N PHE E 112 19.03 -23.11 13.35
CA PHE E 112 17.72 -23.22 13.99
C PHE E 112 17.78 -24.17 15.18
N ASN E 113 18.98 -24.68 15.45
CA ASN E 113 19.22 -25.66 16.51
C ASN E 113 18.24 -26.84 16.50
N PRO E 114 18.23 -27.61 15.39
CA PRO E 114 17.37 -28.79 15.38
C PRO E 114 18.10 -30.01 15.94
N ALA E 115 17.36 -31.08 16.21
CA ALA E 115 17.97 -32.31 16.71
C ALA E 115 19.02 -32.82 15.72
N LYS E 116 18.67 -32.78 14.43
CA LYS E 116 19.57 -33.22 13.38
C LYS E 116 19.11 -32.73 12.01
N VAL E 117 20.08 -32.48 11.12
CA VAL E 117 19.78 -32.14 9.74
C VAL E 117 20.43 -33.12 8.79
N MET E 118 19.63 -33.85 8.03
CA MET E 118 20.14 -34.72 6.99
C MET E 118 19.63 -34.25 5.63
N THR E 119 20.36 -34.60 4.57
CA THR E 119 20.01 -34.11 3.24
C THR E 119 19.71 -35.24 2.27
N ALA E 120 18.91 -34.95 1.26
CA ALA E 120 18.55 -35.94 0.25
C ALA E 120 18.34 -35.31 -1.11
N ALA E 121 18.87 -35.94 -2.14
CA ALA E 121 18.64 -35.53 -3.51
C ALA E 121 18.39 -36.77 -4.37
N LEU E 122 17.49 -36.65 -5.35
CA LEU E 122 17.15 -37.79 -6.19
C LEU E 122 18.37 -38.32 -6.94
N TYR E 123 19.17 -37.42 -7.50
CA TYR E 123 20.33 -37.83 -8.28
C TYR E 123 21.61 -37.12 -7.86
N LEU E 124 22.72 -37.80 -8.02
CA LEU E 124 24.03 -37.30 -7.61
C LEU E 124 25.02 -37.32 -8.76
N LYS E 125 25.73 -36.20 -8.94
CA LYS E 125 26.80 -36.15 -9.94
C LYS E 125 28.10 -36.66 -9.32
N PRO E 126 28.87 -37.44 -10.09
CA PRO E 126 30.12 -38.06 -9.62
C PRO E 126 31.15 -37.03 -9.17
N TRP E 127 31.07 -35.82 -9.70
CA TRP E 127 32.04 -34.78 -9.40
C TRP E 127 31.50 -33.77 -8.38
N SER E 128 30.39 -34.09 -7.74
CA SER E 128 29.86 -33.25 -6.68
C SER E 128 30.78 -33.28 -5.47
N LYS E 129 31.30 -32.13 -5.08
CA LYS E 129 32.23 -32.05 -3.95
C LYS E 129 31.53 -32.41 -2.66
N ARG E 130 30.26 -32.05 -2.54
CA ARG E 130 29.47 -32.42 -1.37
C ARG E 130 28.41 -33.46 -1.73
N ILE E 131 28.23 -34.44 -0.84
CA ILE E 131 27.38 -35.58 -1.12
C ILE E 131 26.23 -35.70 -0.13
N PRO E 132 25.00 -35.88 -0.64
CA PRO E 132 23.81 -36.03 0.21
C PRO E 132 23.82 -37.33 1.02
N ASP E 133 23.18 -37.32 2.18
CA ASP E 133 23.08 -38.51 3.02
C ASP E 133 22.23 -39.59 2.35
N PHE E 134 21.26 -39.15 1.55
CA PHE E 134 20.39 -40.07 0.84
C PHE E 134 20.28 -39.69 -0.64
N TYR E 135 20.37 -40.69 -1.51
CA TYR E 135 20.16 -40.47 -2.95
C TYR E 135 19.83 -41.78 -3.67
N TYR E 136 19.17 -41.64 -4.82
CA TYR E 136 18.73 -42.80 -5.59
C TYR E 136 19.84 -43.33 -6.50
N LYS E 137 20.17 -42.57 -7.53
CA LYS E 137 21.21 -43.00 -8.48
C LYS E 137 22.27 -41.92 -8.72
N GLN E 138 23.45 -42.37 -9.12
CA GLN E 138 24.54 -41.48 -9.50
C GLN E 138 24.66 -41.43 -11.02
N ILE E 139 24.58 -40.24 -11.59
CA ILE E 139 24.54 -40.08 -13.04
C ILE E 139 25.61 -39.11 -13.54
N ASP E 140 26.33 -39.51 -14.60
CA ASP E 140 27.40 -38.69 -15.15
C ASP E 140 26.94 -37.86 -16.36
N LYS E 141 25.66 -37.95 -16.68
CA LYS E 141 25.10 -37.21 -17.81
C LYS E 141 24.47 -35.91 -17.33
N TRP E 142 23.74 -35.24 -18.23
CA TRP E 142 22.92 -34.11 -17.84
C TRP E 142 21.47 -34.56 -17.74
N ILE E 143 20.81 -34.21 -16.63
CA ILE E 143 19.50 -34.74 -16.33
C ILE E 143 18.37 -33.79 -16.68
N ILE E 144 17.44 -34.27 -17.49
CA ILE E 144 16.25 -33.52 -17.84
C ILE E 144 15.05 -34.01 -17.04
N PHE E 145 14.71 -33.29 -15.98
CA PHE E 145 13.58 -33.66 -15.13
C PHE E 145 12.26 -33.32 -15.82
N PRO E 146 11.19 -34.04 -15.47
CA PRO E 146 9.85 -33.76 -16.01
C PRO E 146 9.35 -32.35 -15.68
N TRP E 147 9.88 -31.76 -14.61
CA TRP E 147 9.40 -30.44 -14.17
C TRP E 147 10.34 -29.30 -14.59
N ASP E 148 11.25 -29.57 -15.52
CA ASP E 148 12.07 -28.51 -16.09
C ASP E 148 12.48 -28.85 -17.52
N LYS E 149 11.73 -29.76 -18.14
CA LYS E 149 12.00 -30.20 -19.50
C LYS E 149 11.81 -29.07 -20.50
N TRP E 150 10.76 -28.28 -20.32
CA TRP E 150 10.45 -27.19 -21.22
C TRP E 150 11.46 -26.06 -21.08
N ASP E 151 12.06 -25.96 -19.90
CA ASP E 151 13.13 -25.00 -19.67
C ASP E 151 14.35 -25.39 -20.51
N VAL E 152 14.56 -26.69 -20.65
CA VAL E 152 15.66 -27.22 -21.46
C VAL E 152 15.37 -27.05 -22.94
N VAL E 153 14.12 -27.31 -23.33
CA VAL E 153 13.70 -27.15 -24.73
C VAL E 153 13.89 -25.71 -25.19
N ARG E 154 13.62 -24.76 -24.30
CA ARG E 154 13.76 -23.35 -24.62
C ARG E 154 15.23 -22.98 -24.88
N GLU E 155 16.14 -23.68 -24.21
CA GLU E 155 17.57 -23.46 -24.43
C GLU E 155 18.07 -24.23 -25.64
N ASN E 156 17.60 -25.48 -25.76
CA ASN E 156 17.95 -26.31 -26.91
C ASN E 156 16.77 -27.16 -27.35
N SER E 157 16.16 -26.78 -28.47
CA SER E 157 14.97 -27.46 -28.97
C SER E 157 15.27 -28.81 -29.60
N ASN E 158 16.56 -29.18 -29.64
CA ASN E 158 16.98 -30.44 -30.25
C ASN E 158 17.01 -31.60 -29.26
N VAL E 159 16.51 -31.38 -28.05
CA VAL E 159 16.49 -32.44 -27.04
C VAL E 159 15.35 -33.42 -27.32
N PRO E 160 15.61 -34.72 -27.14
CA PRO E 160 14.64 -35.78 -27.43
C PRO E 160 13.59 -35.95 -26.33
N VAL E 161 12.68 -34.99 -26.20
CA VAL E 161 11.62 -35.08 -25.19
C VAL E 161 10.25 -35.22 -25.87
N ASP E 162 9.30 -35.77 -25.13
CA ASP E 162 7.95 -35.97 -25.64
C ASP E 162 7.15 -34.67 -25.71
N LYS E 163 6.11 -34.67 -26.53
CA LYS E 163 5.18 -33.55 -26.63
C LYS E 163 5.88 -32.24 -27.00
N LYS E 164 6.95 -32.33 -27.78
CA LYS E 164 7.74 -31.16 -28.14
C LYS E 164 6.99 -30.24 -29.10
N GLU E 165 6.08 -30.81 -29.88
CA GLU E 165 5.37 -30.04 -30.89
C GLU E 165 4.26 -29.19 -30.26
N ARG E 166 3.49 -29.80 -29.36
CA ARG E 166 2.40 -29.10 -28.69
C ARG E 166 2.92 -27.93 -27.87
N PHE E 167 4.09 -28.12 -27.27
CA PHE E 167 4.72 -27.06 -26.47
C PHE E 167 5.15 -25.88 -27.34
N LEU E 168 5.91 -26.18 -28.41
CA LEU E 168 6.43 -25.14 -29.29
C LEU E 168 5.30 -24.33 -29.93
N ASN E 169 4.17 -24.98 -30.17
CA ASN E 169 2.99 -24.27 -30.65
C ASN E 169 2.51 -23.27 -29.62
N LEU E 170 2.36 -23.74 -28.38
CA LEU E 170 2.00 -22.87 -27.26
C LEU E 170 3.09 -21.84 -27.02
N TYR E 171 4.34 -22.25 -27.22
CA TYR E 171 5.49 -21.39 -27.03
C TYR E 171 5.47 -20.21 -27.99
N ASN E 172 5.16 -20.48 -29.26
CA ASN E 172 5.13 -19.43 -30.28
C ASN E 172 3.97 -18.47 -30.10
N GLN E 173 2.83 -18.97 -29.63
CA GLN E 173 1.69 -18.11 -29.29
C GLN E 173 2.08 -17.17 -28.15
N LEU E 174 2.86 -17.69 -27.22
CA LEU E 174 3.30 -16.93 -26.06
C LEU E 174 4.25 -15.81 -26.48
N LEU E 175 5.09 -16.09 -27.48
CA LEU E 175 6.03 -15.11 -27.99
C LEU E 175 5.33 -14.06 -28.84
N LYS E 176 4.16 -14.41 -29.37
CA LYS E 176 3.38 -13.44 -30.11
C LYS E 176 2.86 -12.37 -29.15
N ILE E 177 2.49 -12.79 -27.94
CA ILE E 177 2.02 -11.85 -26.93
C ILE E 177 3.12 -10.94 -26.42
N ARG E 178 4.23 -11.53 -25.99
CA ARG E 178 5.27 -10.77 -25.31
C ARG E 178 6.63 -10.83 -26.00
N LYS E 179 7.68 -10.70 -25.20
CA LYS E 179 9.04 -10.52 -25.69
C LYS E 179 9.56 -11.78 -26.37
N MET F 1 -18.73 -48.17 -2.03
CA MET F 1 -17.61 -48.60 -2.86
C MET F 1 -16.90 -47.41 -3.52
N VAL F 2 -17.69 -46.49 -4.08
CA VAL F 2 -17.21 -45.24 -4.67
C VAL F 2 -16.28 -45.45 -5.87
N GLU F 3 -16.58 -44.75 -6.95
CA GLU F 3 -15.82 -44.86 -8.19
C GLU F 3 -14.65 -43.88 -8.22
N TYR F 4 -13.43 -44.40 -8.29
CA TYR F 4 -12.24 -43.55 -8.25
C TYR F 4 -11.69 -43.26 -9.64
N HIS F 5 -11.42 -41.98 -9.90
CA HIS F 5 -10.70 -41.59 -11.11
C HIS F 5 -9.24 -41.39 -10.77
N ILE F 6 -8.37 -42.20 -11.36
CA ILE F 6 -6.94 -42.16 -11.07
C ILE F 6 -6.17 -41.72 -12.31
N PRO F 7 -6.00 -40.40 -12.48
CA PRO F 7 -5.30 -39.87 -13.66
C PRO F 7 -3.81 -40.17 -13.65
N SER F 8 -3.30 -40.69 -14.76
CA SER F 8 -1.87 -40.96 -14.90
C SER F 8 -1.09 -39.65 -14.91
N TRP F 9 0.22 -39.75 -14.75
CA TRP F 9 1.08 -38.58 -14.84
C TRP F 9 0.95 -37.92 -16.21
N ASP F 10 0.63 -38.73 -17.22
CA ASP F 10 0.46 -38.25 -18.57
C ASP F 10 -0.77 -37.35 -18.69
N GLU F 11 -1.83 -37.71 -17.97
CA GLU F 11 -3.06 -36.92 -17.98
C GLU F 11 -2.86 -35.61 -17.24
N ILE F 12 -2.05 -35.64 -16.18
CA ILE F 12 -1.74 -34.46 -15.40
C ILE F 12 -1.02 -33.42 -16.25
N GLU F 13 -0.04 -33.88 -17.03
CA GLU F 13 0.69 -33.01 -17.95
C GLU F 13 -0.24 -32.37 -18.96
N ASP F 14 -1.19 -33.15 -19.46
CA ASP F 14 -2.17 -32.65 -20.42
C ASP F 14 -3.11 -31.65 -19.77
N ALA F 15 -3.39 -31.85 -18.49
CA ALA F 15 -4.21 -30.92 -17.73
C ALA F 15 -3.52 -29.58 -17.63
N VAL F 16 -2.24 -29.61 -17.24
CA VAL F 16 -1.42 -28.41 -17.16
C VAL F 16 -1.34 -27.71 -18.52
N PHE F 17 -1.24 -28.52 -19.58
CA PHE F 17 -1.21 -28.00 -20.94
C PHE F 17 -2.46 -27.19 -21.27
N SER F 18 -3.62 -27.76 -20.95
CA SER F 18 -4.89 -27.10 -21.23
C SER F 18 -5.02 -25.79 -20.47
N ILE F 19 -4.58 -25.79 -19.22
CA ILE F 19 -4.57 -24.58 -18.41
C ILE F 19 -3.72 -23.50 -19.06
N GLY F 20 -2.49 -23.85 -19.40
CA GLY F 20 -1.56 -22.93 -20.03
C GLY F 20 -2.07 -22.40 -21.36
N GLU F 21 -2.60 -23.29 -22.18
CA GLU F 21 -3.16 -22.90 -23.47
C GLU F 21 -4.33 -21.94 -23.29
N ALA F 22 -5.17 -22.22 -22.29
CA ALA F 22 -6.31 -21.36 -21.98
C ALA F 22 -5.85 -19.98 -21.52
N LEU F 23 -4.79 -19.96 -20.71
CA LEU F 23 -4.24 -18.71 -20.19
C LEU F 23 -3.72 -17.81 -21.30
N VAL F 24 -2.99 -18.40 -22.25
CA VAL F 24 -2.45 -17.65 -23.37
C VAL F 24 -3.59 -17.13 -24.26
N LYS F 25 -4.55 -18.01 -24.55
CA LYS F 25 -5.70 -17.66 -25.37
C LYS F 25 -6.54 -16.55 -24.72
N SER F 26 -6.63 -16.59 -23.40
CA SER F 26 -7.38 -15.58 -22.66
C SER F 26 -6.53 -14.35 -22.40
N ASN F 27 -5.29 -14.39 -22.88
CA ASN F 27 -4.32 -13.30 -22.70
C ASN F 27 -4.13 -12.95 -21.23
N TYR F 28 -3.96 -13.96 -20.39
CA TYR F 28 -3.65 -13.75 -18.99
C TYR F 28 -2.37 -14.49 -18.62
N ILE F 29 -1.24 -13.81 -18.81
CA ILE F 29 0.05 -14.35 -18.40
C ILE F 29 0.40 -13.83 -17.01
N PRO F 30 0.29 -14.71 -16.00
CA PRO F 30 0.48 -14.34 -14.59
C PRO F 30 1.91 -13.90 -14.29
N ASP F 31 2.05 -12.85 -13.48
CA ASP F 31 3.35 -12.41 -13.02
C ASP F 31 3.80 -13.28 -11.85
N VAL F 32 2.82 -13.69 -11.04
CA VAL F 32 3.10 -14.48 -9.84
C VAL F 32 2.08 -15.61 -9.67
N LEU F 33 2.57 -16.82 -9.43
CA LEU F 33 1.70 -17.95 -9.11
C LEU F 33 1.58 -18.14 -7.60
N ILE F 34 0.36 -18.34 -7.13
CA ILE F 34 0.12 -18.68 -5.73
C ILE F 34 -0.27 -20.15 -5.61
N ALA F 35 0.66 -20.95 -5.10
CA ALA F 35 0.41 -22.39 -4.96
C ALA F 35 -0.31 -22.70 -3.65
N VAL F 36 -1.39 -23.47 -3.75
CA VAL F 36 -2.10 -23.92 -2.56
C VAL F 36 -1.40 -25.14 -1.97
N LEU F 37 -0.95 -25.01 -0.74
CA LEU F 37 -0.23 -26.08 -0.06
C LEU F 37 -1.20 -27.12 0.50
N THR F 38 -0.96 -28.40 0.20
CA THR F 38 0.16 -28.81 -0.64
C THR F 38 -0.32 -29.53 -1.89
N GLY F 39 -1.61 -29.43 -2.17
CA GLY F 39 -2.20 -30.12 -3.31
C GLY F 39 -1.85 -29.46 -4.64
N GLY F 40 -1.67 -28.14 -4.61
CA GLY F 40 -1.36 -27.40 -5.82
C GLY F 40 0.13 -27.17 -6.02
N ILE F 41 0.94 -27.76 -5.16
CA ILE F 41 2.38 -27.52 -5.17
C ILE F 41 3.05 -28.09 -6.42
N ILE F 42 2.51 -29.18 -6.95
CA ILE F 42 3.07 -29.80 -8.15
C ILE F 42 2.42 -29.26 -9.44
N PRO F 43 1.10 -29.02 -9.44
CA PRO F 43 0.54 -28.34 -10.61
C PRO F 43 1.18 -26.97 -10.88
N ALA F 44 1.46 -26.22 -9.83
CA ALA F 44 2.05 -24.88 -9.97
C ALA F 44 3.45 -24.94 -10.59
N LYS F 45 4.25 -25.90 -10.13
CA LYS F 45 5.61 -26.07 -10.63
C LYS F 45 5.61 -26.45 -12.12
N LEU F 46 4.75 -27.40 -12.48
CA LEU F 46 4.64 -27.85 -13.87
C LEU F 46 4.09 -26.74 -14.76
N LEU F 47 3.24 -25.88 -14.18
CA LEU F 47 2.70 -24.74 -14.90
C LEU F 47 3.78 -23.68 -15.08
N SER F 48 4.61 -23.52 -14.06
CA SER F 48 5.70 -22.55 -14.09
C SER F 48 6.72 -22.88 -15.17
N ASP F 49 7.03 -24.16 -15.32
CA ASP F 49 8.01 -24.60 -16.31
C ASP F 49 7.47 -24.44 -17.72
N LEU F 50 6.18 -24.66 -17.90
CA LEU F 50 5.55 -24.60 -19.22
C LEU F 50 5.55 -23.17 -19.77
N LEU F 51 5.02 -22.24 -18.99
CA LEU F 51 4.88 -20.86 -19.45
C LEU F 51 6.05 -19.98 -19.01
N ASP F 52 7.09 -20.60 -18.49
CA ASP F 52 8.30 -19.91 -18.05
C ASP F 52 7.98 -18.83 -17.00
N LEU F 53 7.12 -19.18 -16.05
CA LEU F 53 6.78 -18.28 -14.95
C LEU F 53 7.78 -18.45 -13.81
N LYS F 54 8.59 -17.42 -13.57
CA LYS F 54 9.73 -17.53 -12.68
C LYS F 54 9.42 -17.26 -11.21
N VAL F 55 8.24 -16.68 -10.93
CA VAL F 55 7.90 -16.33 -9.55
C VAL F 55 6.75 -17.17 -9.01
N ILE F 56 7.05 -17.99 -8.02
CA ILE F 56 6.03 -18.79 -7.33
C ILE F 56 5.99 -18.46 -5.84
N ARG F 57 4.80 -18.16 -5.34
CA ARG F 57 4.60 -17.98 -3.91
C ARG F 57 3.60 -19.00 -3.39
N TYR F 58 3.49 -19.13 -2.07
CA TYR F 58 2.79 -20.26 -1.48
C TYR F 58 1.89 -19.84 -0.32
N ILE F 59 0.77 -20.55 -0.15
CA ILE F 59 -0.11 -20.32 0.98
C ILE F 59 -0.54 -21.63 1.64
N ASP F 60 -0.42 -21.67 2.96
CA ASP F 60 -0.78 -22.86 3.73
C ASP F 60 -2.22 -22.76 4.21
N ILE F 61 -3.13 -23.35 3.44
CA ILE F 61 -4.55 -23.32 3.77
C ILE F 61 -5.12 -24.75 3.76
N LYS F 62 -6.02 -25.03 4.70
CA LYS F 62 -6.61 -26.35 4.83
C LYS F 62 -8.12 -26.28 5.06
N PHE F 63 -8.83 -27.28 4.54
CA PHE F 63 -10.29 -27.31 4.67
C PHE F 63 -10.76 -28.63 5.27
N SER F 72 -17.86 -25.84 8.81
CA SER F 72 -16.92 -26.31 7.80
C SER F 72 -16.32 -25.13 7.02
N LYS F 73 -15.18 -24.64 7.50
CA LYS F 73 -14.53 -23.48 6.91
C LYS F 73 -13.07 -23.78 6.58
N PRO F 74 -12.55 -23.20 5.49
CA PRO F 74 -11.11 -23.29 5.23
C PRO F 74 -10.34 -22.42 6.21
N VAL F 75 -9.12 -22.84 6.56
CA VAL F 75 -8.33 -22.12 7.55
C VAL F 75 -6.90 -21.86 7.06
N ILE F 76 -6.50 -20.59 7.09
CA ILE F 76 -5.13 -20.21 6.72
C ILE F 76 -4.18 -20.48 7.89
N ARG F 77 -3.05 -21.13 7.59
CA ARG F 77 -2.05 -21.41 8.61
C ARG F 77 -0.82 -20.52 8.45
N SER F 78 -0.48 -20.22 7.20
CA SER F 78 0.63 -19.32 6.90
C SER F 78 0.57 -18.82 5.46
N VAL F 79 0.98 -17.57 5.25
CA VAL F 79 1.04 -17.00 3.91
C VAL F 79 2.48 -16.68 3.54
N TYR F 80 3.07 -17.50 2.68
CA TYR F 80 4.45 -17.32 2.26
C TYR F 80 4.55 -16.46 1.01
N THR F 81 4.46 -15.14 1.17
CA THR F 81 4.59 -14.24 0.02
C THR F 81 5.04 -12.84 0.41
N ASP F 82 5.62 -12.14 -0.57
CA ASP F 82 5.97 -10.74 -0.42
C ASP F 82 4.91 -9.89 -1.13
N SER F 83 5.25 -8.63 -1.39
CA SER F 83 4.33 -7.70 -2.01
C SER F 83 3.81 -8.20 -3.35
N LEU F 84 2.49 -8.16 -3.52
CA LEU F 84 1.86 -8.61 -4.76
C LEU F 84 1.17 -7.45 -5.49
N GLU F 85 1.43 -6.23 -5.01
CA GLU F 85 0.74 -5.05 -5.52
C GLU F 85 1.09 -4.75 -6.98
N GLY F 86 0.06 -4.59 -7.79
CA GLY F 86 0.21 -4.24 -9.19
C GLY F 86 0.61 -5.40 -10.08
N LYS F 87 0.52 -6.62 -9.55
CA LYS F 87 0.92 -7.80 -10.30
C LYS F 87 -0.27 -8.68 -10.66
N LYS F 88 -0.16 -9.39 -11.78
CA LYS F 88 -1.17 -10.34 -12.20
C LYS F 88 -0.95 -11.66 -11.47
N VAL F 89 -1.96 -12.08 -10.70
CA VAL F 89 -1.81 -13.25 -9.82
C VAL F 89 -2.72 -14.39 -10.25
N LEU F 90 -2.17 -15.61 -10.27
CA LEU F 90 -2.94 -16.81 -10.56
C LEU F 90 -2.78 -17.84 -9.44
N VAL F 91 -3.90 -18.16 -8.79
CA VAL F 91 -3.90 -19.14 -7.71
C VAL F 91 -4.09 -20.55 -8.28
N VAL F 92 -3.25 -21.48 -7.84
CA VAL F 92 -3.26 -22.83 -8.39
C VAL F 92 -3.50 -23.91 -7.35
N ASP F 93 -4.57 -24.69 -7.54
CA ASP F 93 -4.85 -25.84 -6.70
C ASP F 93 -5.07 -27.06 -7.60
N ASP F 94 -5.17 -28.24 -7.02
CA ASP F 94 -5.32 -29.46 -7.81
C ASP F 94 -6.79 -29.78 -8.11
N VAL F 95 -7.63 -29.74 -7.09
CA VAL F 95 -9.05 -30.06 -7.27
C VAL F 95 -9.94 -29.11 -6.47
N ALA F 96 -11.01 -28.64 -7.10
CA ALA F 96 -11.98 -27.77 -6.44
C ALA F 96 -13.32 -28.48 -6.28
N ASP F 97 -13.61 -28.93 -5.06
CA ASP F 97 -14.90 -29.52 -4.75
C ASP F 97 -15.95 -28.43 -4.57
N THR F 98 -16.10 -27.97 -3.33
CA THR F 98 -17.05 -26.92 -3.01
C THR F 98 -16.54 -25.56 -3.49
N GLY F 99 -15.23 -25.46 -3.68
CA GLY F 99 -14.63 -24.26 -4.24
C GLY F 99 -14.41 -23.14 -3.23
N GLU F 100 -14.57 -23.46 -1.95
CA GLU F 100 -14.46 -22.45 -0.90
C GLU F 100 -13.00 -22.13 -0.58
N THR F 101 -12.11 -23.06 -0.90
CA THR F 101 -10.68 -22.85 -0.67
C THR F 101 -10.14 -21.77 -1.62
N LEU F 102 -10.40 -21.95 -2.91
CA LEU F 102 -9.93 -21.00 -3.92
C LEU F 102 -10.55 -19.61 -3.73
N GLU F 103 -11.78 -19.58 -3.24
CA GLU F 103 -12.45 -18.31 -2.97
C GLU F 103 -11.81 -17.62 -1.76
N ALA F 104 -11.46 -18.42 -0.76
CA ALA F 104 -10.83 -17.90 0.44
C ALA F 104 -9.43 -17.35 0.13
N VAL F 105 -8.68 -18.10 -0.67
CA VAL F 105 -7.35 -17.68 -1.08
C VAL F 105 -7.44 -16.42 -1.95
N SER F 106 -8.39 -16.39 -2.87
CA SER F 106 -8.59 -15.23 -3.73
C SER F 106 -8.94 -13.99 -2.91
N ASN F 107 -9.71 -14.18 -1.85
CA ASN F 107 -10.14 -13.08 -1.00
C ASN F 107 -8.98 -12.44 -0.22
N VAL F 108 -8.09 -13.26 0.32
CA VAL F 108 -6.97 -12.75 1.10
C VAL F 108 -5.88 -12.18 0.17
N ILE F 109 -5.71 -12.80 -0.99
CA ILE F 109 -4.74 -12.32 -1.98
C ILE F 109 -5.14 -10.94 -2.49
N THR F 110 -6.45 -10.71 -2.61
CA THR F 110 -6.98 -9.43 -3.04
C THR F 110 -6.52 -8.28 -2.13
N MET F 111 -6.39 -8.58 -0.84
CA MET F 111 -6.00 -7.58 0.16
C MET F 111 -4.56 -7.10 -0.03
N PHE F 112 -3.83 -7.77 -0.91
CA PHE F 112 -2.47 -7.37 -1.25
C PHE F 112 -2.48 -6.37 -2.40
N ASN F 113 -3.68 -5.93 -2.76
CA ASN F 113 -3.91 -5.02 -3.89
C ASN F 113 -3.19 -5.43 -5.18
N PRO F 114 -3.46 -6.65 -5.68
CA PRO F 114 -2.85 -7.00 -6.96
C PRO F 114 -3.62 -6.38 -8.12
N ALA F 115 -3.03 -6.40 -9.31
CA ALA F 115 -3.70 -5.87 -10.49
C ALA F 115 -4.96 -6.69 -10.79
N LYS F 116 -4.84 -8.00 -10.62
CA LYS F 116 -5.94 -8.92 -10.87
C LYS F 116 -5.66 -10.28 -10.23
N VAL F 117 -6.71 -10.91 -9.70
CA VAL F 117 -6.60 -12.26 -9.18
C VAL F 117 -7.48 -13.22 -9.97
N MET F 118 -6.90 -14.35 -10.38
CA MET F 118 -7.67 -15.40 -11.03
C MET F 118 -7.29 -16.74 -10.43
N THR F 119 -8.24 -17.68 -10.45
CA THR F 119 -8.02 -18.99 -9.84
C THR F 119 -7.96 -20.10 -10.88
N ALA F 120 -7.36 -21.21 -10.51
CA ALA F 120 -7.23 -22.35 -11.41
C ALA F 120 -7.16 -23.67 -10.63
N ALA F 121 -7.78 -24.70 -11.19
CA ALA F 121 -7.70 -26.04 -10.63
C ALA F 121 -7.64 -27.06 -11.77
N LEU F 122 -6.97 -28.18 -11.54
CA LEU F 122 -6.88 -29.21 -12.56
C LEU F 122 -8.25 -29.81 -12.84
N TYR F 123 -8.92 -30.27 -11.79
CA TYR F 123 -10.22 -30.90 -11.95
C TYR F 123 -11.30 -30.19 -11.13
N LEU F 124 -12.51 -30.16 -11.67
CA LEU F 124 -13.63 -29.49 -11.03
C LEU F 124 -14.82 -30.44 -10.88
N LYS F 125 -15.53 -30.31 -9.77
CA LYS F 125 -16.74 -31.10 -9.54
C LYS F 125 -17.96 -30.34 -10.00
N PRO F 126 -19.01 -31.05 -10.44
CA PRO F 126 -20.27 -30.39 -10.78
C PRO F 126 -20.97 -29.88 -9.53
N TRP F 127 -22.01 -29.06 -9.71
CA TRP F 127 -22.72 -28.44 -8.58
C TRP F 127 -21.76 -27.69 -7.68
N SER F 128 -20.99 -26.78 -8.26
CA SER F 128 -19.94 -26.07 -7.51
C SER F 128 -19.95 -24.57 -7.74
N LYS F 129 -19.95 -23.82 -6.63
CA LYS F 129 -19.78 -22.37 -6.67
C LYS F 129 -18.84 -21.96 -5.53
N ARG F 130 -17.86 -21.11 -5.82
CA ARG F 130 -17.67 -20.50 -7.13
C ARG F 130 -16.88 -21.40 -8.08
N ILE F 131 -17.06 -21.19 -9.37
CA ILE F 131 -16.33 -21.91 -10.40
C ILE F 131 -14.99 -21.23 -10.68
N PRO F 132 -13.89 -21.99 -10.66
CA PRO F 132 -12.56 -21.46 -10.98
C PRO F 132 -12.52 -20.82 -12.37
N ASP F 133 -11.66 -19.82 -12.54
CA ASP F 133 -11.55 -19.11 -13.81
C ASP F 133 -10.99 -20.01 -14.91
N PHE F 134 -10.18 -20.99 -14.52
CA PHE F 134 -9.59 -21.94 -15.45
C PHE F 134 -9.57 -23.35 -14.87
N TYR F 135 -9.96 -24.33 -15.67
CA TYR F 135 -9.88 -25.72 -15.26
C TYR F 135 -9.80 -26.65 -16.46
N TYR F 136 -9.11 -27.78 -16.29
CA TYR F 136 -8.92 -28.74 -17.37
C TYR F 136 -10.18 -29.53 -17.65
N LYS F 137 -10.63 -30.32 -16.66
CA LYS F 137 -11.79 -31.18 -16.85
C LYS F 137 -12.74 -31.14 -15.66
N GLN F 138 -14.01 -31.40 -15.93
CA GLN F 138 -15.03 -31.49 -14.88
C GLN F 138 -15.36 -32.96 -14.61
N ILE F 139 -14.77 -33.50 -13.56
CA ILE F 139 -14.96 -34.91 -13.20
C ILE F 139 -15.99 -35.05 -12.09
N ASP F 140 -16.87 -36.04 -12.21
CA ASP F 140 -17.94 -36.25 -11.24
C ASP F 140 -17.52 -37.25 -10.16
N LYS F 141 -16.43 -37.96 -10.40
CA LYS F 141 -15.96 -39.00 -9.48
C LYS F 141 -14.99 -38.47 -8.44
N TRP F 142 -14.61 -39.33 -7.50
CA TRP F 142 -13.58 -38.98 -6.52
C TRP F 142 -12.21 -39.22 -7.11
N ILE F 143 -11.35 -38.22 -6.99
CA ILE F 143 -10.06 -38.21 -7.68
C ILE F 143 -8.89 -38.63 -6.80
N ILE F 144 -8.08 -39.54 -7.31
CA ILE F 144 -6.84 -39.94 -6.64
C ILE F 144 -5.63 -39.45 -7.42
N PHE F 145 -5.02 -38.38 -6.95
CA PHE F 145 -3.82 -37.84 -7.59
C PHE F 145 -2.61 -38.70 -7.29
N PRO F 146 -1.59 -38.66 -8.16
CA PRO F 146 -0.37 -39.43 -7.92
C PRO F 146 0.38 -38.98 -6.66
N TRP F 147 0.13 -37.75 -6.21
CA TRP F 147 0.85 -37.20 -5.07
C TRP F 147 0.06 -37.31 -3.76
N ASP F 148 -1.05 -38.03 -3.77
CA ASP F 148 -1.77 -38.30 -2.54
C ASP F 148 -2.40 -39.70 -2.58
N LYS F 149 -1.86 -40.54 -3.45
CA LYS F 149 -2.38 -41.90 -3.63
C LYS F 149 -2.16 -42.76 -2.39
N TRP F 150 -1.00 -42.61 -1.75
CA TRP F 150 -0.68 -43.41 -0.57
C TRP F 150 -1.46 -42.95 0.64
N ASP F 151 -1.92 -41.71 0.61
CA ASP F 151 -2.78 -41.19 1.66
C ASP F 151 -4.15 -41.86 1.57
N VAL F 152 -4.55 -42.22 0.36
CA VAL F 152 -5.80 -42.91 0.13
C VAL F 152 -5.67 -44.39 0.51
N VAL F 153 -4.53 -44.98 0.19
CA VAL F 153 -4.27 -46.39 0.50
C VAL F 153 -4.25 -46.60 2.01
N ARG F 154 -3.72 -45.62 2.73
CA ARG F 154 -3.73 -45.68 4.20
C ARG F 154 -5.15 -45.53 4.74
N GLU F 155 -5.91 -44.62 4.14
CA GLU F 155 -7.30 -44.38 4.54
C GLU F 155 -8.20 -45.55 4.12
N ASN F 156 -8.22 -45.87 2.82
CA ASN F 156 -8.97 -47.01 2.30
C ASN F 156 -8.12 -48.28 2.49
N SER F 157 -8.39 -49.34 1.72
CA SER F 157 -7.62 -50.59 1.86
C SER F 157 -7.68 -51.49 0.62
N ASN F 158 -8.58 -51.16 -0.30
CA ASN F 158 -8.70 -51.85 -1.59
C ASN F 158 -8.96 -50.91 -2.75
N VAL F 159 -8.04 -49.97 -2.96
CA VAL F 159 -8.10 -49.12 -4.15
C VAL F 159 -7.16 -49.68 -5.22
N PRO F 160 -7.57 -49.58 -6.49
CA PRO F 160 -6.79 -50.11 -7.62
C PRO F 160 -5.63 -49.20 -8.00
N VAL F 161 -4.54 -49.24 -7.23
CA VAL F 161 -3.37 -48.40 -7.52
C VAL F 161 -2.13 -49.26 -7.74
N ASP F 162 -1.18 -48.72 -8.52
CA ASP F 162 0.06 -49.42 -8.82
C ASP F 162 1.03 -49.41 -7.64
N LYS F 163 1.92 -50.40 -7.61
CA LYS F 163 3.00 -50.49 -6.63
C LYS F 163 2.48 -50.53 -5.19
N LYS F 164 1.27 -51.05 -5.01
CA LYS F 164 0.66 -51.11 -3.68
C LYS F 164 1.38 -52.07 -2.76
N GLU F 165 1.95 -53.12 -3.33
CA GLU F 165 2.66 -54.14 -2.55
C GLU F 165 3.95 -53.59 -1.95
N ARG F 166 4.70 -52.83 -2.76
CA ARG F 166 5.95 -52.24 -2.30
C ARG F 166 5.69 -51.19 -1.22
N PHE F 167 4.53 -50.56 -1.30
CA PHE F 167 4.13 -49.58 -0.30
C PHE F 167 3.82 -50.25 1.04
N LEU F 168 2.97 -51.27 1.00
CA LEU F 168 2.58 -52.00 2.21
C LEU F 168 3.78 -52.67 2.86
N ASN F 169 4.74 -53.09 2.03
CA ASN F 169 5.99 -53.66 2.51
C ASN F 169 6.76 -52.62 3.33
N LEU F 170 6.65 -51.36 2.92
CA LEU F 170 7.32 -50.26 3.60
C LEU F 170 6.46 -49.72 4.73
N TYR F 171 5.15 -49.77 4.55
CA TYR F 171 4.19 -49.24 5.53
C TYR F 171 4.27 -49.98 6.86
N ASN F 172 4.27 -51.31 6.80
CA ASN F 172 4.36 -52.13 8.01
C ASN F 172 5.73 -52.02 8.66
N GLN F 173 6.75 -51.80 7.84
CA GLN F 173 8.11 -51.63 8.35
C GLN F 173 8.24 -50.32 9.11
N LEU F 174 7.33 -49.39 8.82
CA LEU F 174 7.28 -48.11 9.51
C LEU F 174 6.60 -48.24 10.87
N LEU F 175 5.53 -49.03 10.93
CA LEU F 175 4.69 -49.13 12.12
C LEU F 175 5.38 -49.84 13.28
N LYS F 176 6.46 -50.56 12.99
CA LYS F 176 7.16 -51.33 14.01
C LYS F 176 8.10 -50.45 14.85
N ILE F 177 8.10 -49.15 14.58
CA ILE F 177 8.90 -48.21 15.36
C ILE F 177 8.02 -47.13 15.98
#